data_3MKU
#
_entry.id   3MKU
#
_cell.length_a   159.800
_cell.length_b   241.850
_cell.length_c   46.150
_cell.angle_alpha   90.00
_cell.angle_beta   90.00
_cell.angle_gamma   90.00
#
_symmetry.space_group_name_H-M   'P 21 21 2'
#
loop_
_entity.id
_entity.type
_entity.pdbx_description
1 polymer 'Multi antimicrobial extrusion protein (Na(+)/drug antiporter) MATE-like MDR efflux pump'
2 non-polymer 'RUBIDIUM ION'
#
_entity_poly.entity_id   1
_entity_poly.type   'polypeptide(L)'
_entity_poly.pdbx_seq_one_letter_code
;ENSVHRYKKEASNLIKLATPVLIASVAQTGMGFVDTIMAGGVSAIDMAAVSIAASIWLPSILFGVGLLMALVPVVAQLNG
AGRQHKIPFEVHQGLILALLVSVPIIAVLFQTQFIIRFMDVEEAMATKTVGYMHAVIFAVPAYLLFQALRSFTDGMSLTK
PAMVIGFIGLLLNIPLNWIFVYGKFGAPELGGVGCGVATAIVYWIMLLLLLFYIVTSKRLAHVKVFETFHKPQPKELIRL
FRLGFPVAAALFFEVTLFAVVALLVAPLGSTVVAAHQVALNFSSLVFMFPMSIGAAVSIRVGHKLGEQDTKGAAIAANVG
LMTGLATACITALLTVLFREQIALLYTENQVVVALAMQLLLFAAIYQCMDAVQVVAAGSLRGYKDMTAIFHRTFISYWVL
GLPTGYILGMTNWLTEQPLGAKGFWLGFIIGLSAAALMLGQRLYWLQKQSDDVQLHLAAK
;
_entity_poly.pdbx_strand_id   A,B
#
# COMPACT_ATOMS: atom_id res chain seq x y z
N GLU A 1 28.52 18.28 -13.27
CA GLU A 1 27.22 18.08 -12.58
C GLU A 1 26.38 19.39 -12.58
N ASN A 2 27.02 20.54 -12.37
CA ASN A 2 26.28 21.82 -12.36
C ASN A 2 25.52 22.06 -13.65
N SER A 3 24.20 22.25 -13.54
CA SER A 3 23.36 22.50 -14.69
C SER A 3 23.27 21.35 -15.70
N VAL A 4 24.33 20.56 -15.76
CA VAL A 4 24.44 19.41 -16.66
C VAL A 4 23.21 18.54 -16.47
N HIS A 5 23.15 17.86 -15.32
CA HIS A 5 22.03 16.99 -14.99
C HIS A 5 20.75 17.80 -14.77
N ARG A 6 20.89 19.08 -14.43
CA ARG A 6 19.71 19.90 -14.22
C ARG A 6 18.95 19.95 -15.54
N TYR A 7 19.28 20.89 -16.41
CA TYR A 7 18.58 21.03 -17.69
C TYR A 7 18.30 19.70 -18.38
N LYS A 8 19.16 18.75 -18.12
CA LYS A 8 18.97 17.45 -18.71
C LYS A 8 17.57 16.95 -18.31
N LYS A 9 17.47 16.37 -17.12
CA LYS A 9 16.20 15.83 -16.61
C LYS A 9 15.14 16.90 -16.46
N GLU A 10 15.57 18.09 -16.10
CA GLU A 10 14.62 19.18 -15.98
C GLU A 10 13.90 19.23 -17.34
N ALA A 11 14.65 19.59 -18.39
CA ALA A 11 14.12 19.71 -19.74
C ALA A 11 13.17 18.55 -20.01
N SER A 12 13.72 17.36 -20.05
CA SER A 12 12.91 16.19 -20.29
C SER A 12 11.60 16.24 -19.53
N ASN A 13 11.66 16.02 -18.23
CA ASN A 13 10.47 15.99 -17.42
C ASN A 13 9.42 16.99 -17.80
N LEU A 14 9.82 18.25 -17.85
CA LEU A 14 8.88 19.31 -18.18
C LEU A 14 8.09 18.97 -19.42
N ILE A 15 8.77 18.67 -20.54
CA ILE A 15 8.12 18.34 -21.83
C ILE A 15 7.19 17.15 -21.87
N LYS A 16 7.61 16.07 -21.23
CA LYS A 16 6.82 14.87 -21.16
C LYS A 16 5.49 15.29 -20.62
N LEU A 17 5.52 16.27 -19.74
CA LEU A 17 4.32 16.82 -19.16
C LEU A 17 3.88 17.96 -20.03
N ALA A 18 4.85 18.74 -20.47
CA ALA A 18 4.63 19.91 -21.34
C ALA A 18 3.60 19.59 -22.36
N THR A 19 4.04 19.11 -23.52
CA THR A 19 3.10 18.79 -24.59
C THR A 19 1.81 18.23 -24.05
N PRO A 20 1.88 17.19 -23.20
CA PRO A 20 0.62 16.64 -22.69
C PRO A 20 -0.25 17.79 -22.25
N VAL A 21 0.03 18.23 -21.04
CA VAL A 21 -0.74 19.30 -20.42
C VAL A 21 -1.16 20.44 -21.33
N LEU A 22 -0.31 20.87 -22.23
CA LEU A 22 -0.69 21.96 -23.09
C LEU A 22 -1.93 21.59 -23.87
N ILE A 23 -1.82 20.58 -24.71
CA ILE A 23 -2.94 20.11 -25.53
C ILE A 23 -4.24 20.12 -24.73
N ALA A 24 -4.17 19.62 -23.51
CA ALA A 24 -5.32 19.59 -22.62
C ALA A 24 -6.06 20.92 -22.61
N SER A 25 -5.33 22.02 -22.51
CA SER A 25 -5.95 23.33 -22.51
C SER A 25 -6.74 23.47 -23.81
N VAL A 26 -6.13 23.08 -24.92
CA VAL A 26 -6.77 23.13 -26.23
C VAL A 26 -8.10 22.43 -26.13
N ALA A 27 -8.20 21.52 -25.16
CA ALA A 27 -9.46 20.83 -24.96
C ALA A 27 -10.29 21.93 -24.33
N GLN A 28 -10.16 22.12 -23.01
CA GLN A 28 -10.94 23.12 -22.31
C GLN A 28 -11.31 24.28 -23.22
N THR A 29 -10.36 25.14 -23.54
CA THR A 29 -10.63 26.29 -24.41
C THR A 29 -11.08 25.80 -25.78
N GLY A 30 -10.19 25.12 -26.50
CA GLY A 30 -10.52 24.61 -27.81
C GLY A 30 -11.98 24.20 -27.86
N MET A 31 -12.29 23.03 -27.30
CA MET A 31 -13.66 22.53 -27.26
C MET A 31 -14.58 23.66 -26.81
N GLY A 32 -14.17 24.31 -25.74
CA GLY A 32 -14.92 25.41 -25.16
C GLY A 32 -15.68 26.25 -26.16
N PHE A 33 -15.03 27.25 -26.73
CA PHE A 33 -15.71 28.11 -27.69
C PHE A 33 -16.21 27.35 -28.92
N VAL A 34 -15.43 26.38 -29.39
CA VAL A 34 -15.81 25.59 -30.57
C VAL A 34 -17.30 25.25 -30.57
N ASP A 35 -17.70 24.08 -30.05
CA ASP A 35 -19.10 23.67 -30.03
C ASP A 35 -19.98 24.69 -29.34
N THR A 36 -19.42 25.37 -28.34
CA THR A 36 -20.15 26.39 -27.60
C THR A 36 -20.53 27.55 -28.54
N ILE A 37 -19.62 28.48 -28.82
CA ILE A 37 -19.92 29.61 -29.71
C ILE A 37 -20.46 29.19 -31.09
N MET A 38 -19.66 28.41 -31.83
CA MET A 38 -20.05 27.92 -33.15
C MET A 38 -21.56 27.86 -33.39
N ALA A 39 -22.16 26.85 -32.76
CA ALA A 39 -23.58 26.57 -32.84
C ALA A 39 -24.42 27.53 -32.00
N GLY A 40 -24.46 27.25 -30.69
CA GLY A 40 -25.20 28.09 -29.77
C GLY A 40 -24.44 29.39 -29.61
N GLY A 41 -24.50 30.23 -30.64
CA GLY A 41 -23.81 31.50 -30.65
C GLY A 41 -24.28 32.33 -31.83
N VAL A 42 -24.06 31.83 -33.05
CA VAL A 42 -24.52 32.51 -34.26
C VAL A 42 -25.80 31.79 -34.73
N SER A 43 -26.46 31.09 -33.80
CA SER A 43 -27.69 30.34 -34.08
C SER A 43 -28.88 30.75 -33.19
N ALA A 44 -28.75 30.68 -31.86
CA ALA A 44 -29.87 31.09 -31.00
C ALA A 44 -29.96 32.60 -31.06
N ILE A 45 -29.43 33.13 -32.16
CA ILE A 45 -29.42 34.56 -32.44
C ILE A 45 -28.53 35.32 -31.49
N ASP A 46 -27.25 34.97 -31.47
CA ASP A 46 -26.32 35.63 -30.55
C ASP A 46 -26.89 35.60 -29.13
N MET A 47 -28.15 35.16 -29.01
CA MET A 47 -28.84 35.04 -27.74
C MET A 47 -28.45 33.71 -27.25
N ALA A 48 -27.55 33.17 -28.03
CA ALA A 48 -26.93 31.92 -27.74
C ALA A 48 -25.62 32.42 -27.14
N ALA A 49 -24.97 33.39 -27.80
CA ALA A 49 -23.68 33.96 -27.34
C ALA A 49 -23.72 34.43 -25.88
N VAL A 50 -24.25 35.63 -25.66
CA VAL A 50 -24.33 36.19 -24.32
C VAL A 50 -25.08 35.27 -23.32
N SER A 51 -26.15 34.62 -23.74
CA SER A 51 -26.92 33.74 -22.85
C SER A 51 -26.09 32.61 -22.22
N ILE A 52 -25.55 31.72 -23.04
CA ILE A 52 -24.75 30.61 -22.52
C ILE A 52 -23.53 31.10 -21.76
N ALA A 53 -23.17 32.38 -21.96
CA ALA A 53 -22.04 32.99 -21.29
C ALA A 53 -22.23 33.00 -19.78
N ALA A 54 -23.23 33.75 -19.33
CA ALA A 54 -23.52 33.79 -17.90
C ALA A 54 -23.74 32.33 -17.45
N SER A 55 -24.25 31.50 -18.37
CA SER A 55 -24.50 30.09 -18.08
C SER A 55 -23.31 29.46 -17.35
N ILE A 56 -22.36 28.88 -18.08
CA ILE A 56 -21.19 28.25 -17.45
C ILE A 56 -20.38 29.20 -16.51
N TRP A 57 -20.78 30.48 -16.41
CA TRP A 57 -20.13 31.45 -15.49
C TRP A 57 -20.26 30.87 -14.11
N LEU A 58 -21.51 30.77 -13.67
CA LEU A 58 -21.81 30.22 -12.38
C LEU A 58 -20.89 28.99 -12.24
N PRO A 59 -20.86 28.12 -13.27
CA PRO A 59 -20.02 26.93 -13.26
C PRO A 59 -18.58 27.31 -13.04
N SER A 60 -18.11 28.35 -13.73
CA SER A 60 -16.74 28.77 -13.52
C SER A 60 -16.39 28.69 -12.03
N ILE A 61 -17.12 29.41 -11.19
CA ILE A 61 -16.88 29.37 -9.73
C ILE A 61 -16.85 27.95 -9.22
N LEU A 62 -17.82 27.19 -9.70
CA LEU A 62 -17.95 25.80 -9.32
C LEU A 62 -16.66 25.07 -9.62
N PHE A 63 -16.34 24.92 -10.90
CA PHE A 63 -15.14 24.21 -11.34
C PHE A 63 -14.05 24.65 -10.39
N GLY A 64 -14.28 25.81 -9.77
CA GLY A 64 -13.33 26.32 -8.80
C GLY A 64 -13.16 25.36 -7.64
N VAL A 65 -14.22 25.09 -6.88
CA VAL A 65 -14.14 24.17 -5.76
C VAL A 65 -13.58 22.87 -6.38
N GLY A 66 -13.68 22.73 -7.70
CA GLY A 66 -13.18 21.55 -8.37
C GLY A 66 -11.69 21.38 -8.29
N LEU A 67 -10.91 22.46 -8.38
CA LEU A 67 -9.46 22.31 -8.29
C LEU A 67 -9.09 21.88 -6.89
N LEU A 68 -9.96 22.14 -5.92
CA LEU A 68 -9.66 21.68 -4.55
C LEU A 68 -9.49 20.16 -4.73
N MET A 69 -10.46 19.60 -5.42
CA MET A 69 -10.50 18.18 -5.74
C MET A 69 -9.51 17.96 -6.88
N ALA A 70 -8.35 18.62 -6.81
CA ALA A 70 -7.28 18.50 -7.79
C ALA A 70 -5.90 18.63 -7.14
N LEU A 71 -5.76 19.45 -6.11
CA LEU A 71 -4.47 19.52 -5.46
C LEU A 71 -4.43 18.23 -4.67
N VAL A 72 -5.61 17.70 -4.37
CA VAL A 72 -5.70 16.42 -3.67
C VAL A 72 -4.89 15.53 -4.60
N PRO A 73 -5.24 15.51 -5.90
CA PRO A 73 -4.64 14.78 -7.03
C PRO A 73 -3.21 15.15 -7.40
N VAL A 74 -2.60 16.00 -6.58
CA VAL A 74 -1.20 16.33 -6.79
C VAL A 74 -0.69 15.27 -5.85
N VAL A 75 -1.57 14.79 -4.95
CA VAL A 75 -1.22 13.76 -3.98
C VAL A 75 -0.63 12.56 -4.70
N ALA A 76 -0.30 12.77 -5.99
CA ALA A 76 0.36 11.78 -6.82
C ALA A 76 1.73 11.74 -6.19
N GLN A 77 1.76 12.04 -4.89
CA GLN A 77 2.97 12.12 -4.08
C GLN A 77 3.40 10.80 -3.46
N LEU A 78 2.43 10.05 -2.95
CA LEU A 78 2.66 8.75 -2.31
C LEU A 78 3.23 7.68 -3.25
N ASN A 79 3.68 8.14 -4.41
CA ASN A 79 4.30 7.30 -5.43
C ASN A 79 5.62 7.99 -5.73
N GLY A 80 6.39 8.29 -4.68
CA GLY A 80 7.68 8.91 -4.90
C GLY A 80 8.53 7.77 -5.44
N ALA A 81 7.85 6.66 -5.69
CA ALA A 81 8.36 5.38 -6.15
C ALA A 81 8.28 4.60 -4.84
N GLY A 82 7.92 5.32 -3.79
CA GLY A 82 7.76 4.73 -2.48
C GLY A 82 6.49 3.91 -2.45
N ARG A 83 5.49 4.34 -1.69
CA ARG A 83 4.21 3.63 -1.61
C ARG A 83 3.55 3.62 -2.99
N GLN A 84 4.14 2.90 -3.94
CA GLN A 84 3.59 2.82 -5.30
C GLN A 84 2.21 2.19 -5.25
N HIS A 85 1.77 1.97 -4.02
CA HIS A 85 0.44 1.46 -3.73
C HIS A 85 -0.04 2.26 -2.50
N LYS A 86 -1.29 2.07 -2.09
CA LYS A 86 -1.91 2.74 -0.95
C LYS A 86 -2.57 3.96 -1.51
N ILE A 87 -2.15 4.27 -2.72
CA ILE A 87 -2.67 5.38 -3.48
C ILE A 87 -4.09 5.02 -3.93
N PRO A 88 -4.28 3.76 -4.39
CA PRO A 88 -5.62 3.38 -4.83
C PRO A 88 -6.68 3.81 -3.84
N PHE A 89 -6.44 3.63 -2.54
CA PHE A 89 -7.43 4.02 -1.53
C PHE A 89 -7.42 5.50 -1.28
N GLU A 90 -6.24 6.06 -1.39
CA GLU A 90 -6.08 7.47 -1.25
C GLU A 90 -6.99 8.10 -2.27
N VAL A 91 -6.89 7.62 -3.51
CA VAL A 91 -7.67 8.10 -4.65
C VAL A 91 -9.16 7.93 -4.46
N HIS A 92 -9.60 6.69 -4.52
CA HIS A 92 -11.00 6.38 -4.37
C HIS A 92 -11.52 7.41 -3.39
N GLN A 93 -10.82 7.57 -2.27
CA GLN A 93 -11.22 8.54 -1.28
C GLN A 93 -11.53 9.90 -1.93
N GLY A 94 -10.53 10.49 -2.56
CA GLY A 94 -10.74 11.78 -3.20
C GLY A 94 -12.02 11.71 -3.99
N LEU A 95 -12.04 10.93 -5.05
CA LEU A 95 -13.22 10.79 -5.91
C LEU A 95 -14.52 10.94 -5.16
N ILE A 96 -14.57 10.35 -3.98
CA ILE A 96 -15.77 10.43 -3.19
C ILE A 96 -16.05 11.90 -2.99
N LEU A 97 -15.18 12.55 -2.22
CA LEU A 97 -15.36 13.97 -1.95
C LEU A 97 -15.79 14.65 -3.22
N ALA A 98 -15.30 14.16 -4.36
CA ALA A 98 -15.67 14.74 -5.64
C ALA A 98 -17.15 14.99 -5.63
N LEU A 99 -17.90 13.90 -5.49
CA LEU A 99 -19.34 13.99 -5.47
C LEU A 99 -19.80 14.79 -4.27
N LEU A 100 -19.19 14.55 -3.12
CA LEU A 100 -19.54 15.25 -1.89
C LEU A 100 -19.42 16.76 -2.02
N VAL A 101 -19.03 17.22 -3.21
CA VAL A 101 -18.87 18.66 -3.48
C VAL A 101 -19.78 19.09 -4.61
N SER A 102 -19.72 18.35 -5.71
CA SER A 102 -20.55 18.65 -6.85
C SER A 102 -21.98 18.86 -6.35
N VAL A 103 -22.45 17.98 -5.47
CA VAL A 103 -23.82 18.12 -4.94
C VAL A 103 -23.91 19.44 -4.16
N PRO A 104 -23.00 19.66 -3.21
CA PRO A 104 -23.04 20.91 -2.44
C PRO A 104 -23.06 22.12 -3.35
N ILE A 105 -22.86 21.86 -4.64
CA ILE A 105 -22.89 22.89 -5.65
C ILE A 105 -24.19 22.77 -6.47
N ILE A 106 -24.71 21.56 -6.69
CA ILE A 106 -25.97 21.40 -7.44
C ILE A 106 -26.99 22.31 -6.83
N ALA A 107 -26.93 22.43 -5.51
CA ALA A 107 -27.83 23.28 -4.74
C ALA A 107 -27.78 24.63 -5.44
N VAL A 108 -26.69 25.34 -5.21
CA VAL A 108 -26.47 26.65 -5.80
C VAL A 108 -26.97 26.63 -7.26
N LEU A 109 -26.71 25.51 -7.95
CA LEU A 109 -27.12 25.36 -9.33
C LEU A 109 -28.63 25.54 -9.52
N PHE A 110 -29.39 24.46 -9.37
CA PHE A 110 -30.85 24.49 -9.52
C PHE A 110 -31.53 25.81 -9.11
N GLN A 111 -31.38 26.17 -7.84
CA GLN A 111 -31.99 27.37 -7.28
C GLN A 111 -31.78 28.71 -8.00
N THR A 112 -30.55 29.23 -8.01
CA THR A 112 -30.31 30.51 -8.68
C THR A 112 -30.67 30.44 -10.16
N GLN A 113 -30.46 29.27 -10.78
CA GLN A 113 -30.79 29.08 -12.18
C GLN A 113 -32.24 29.53 -12.36
N PHE A 114 -33.06 29.19 -11.35
CA PHE A 114 -34.46 29.53 -11.33
C PHE A 114 -34.61 30.98 -10.86
N ILE A 115 -33.57 31.55 -10.25
CA ILE A 115 -33.64 32.94 -9.76
C ILE A 115 -32.98 33.97 -10.66
N ILE A 116 -31.84 33.62 -11.26
CA ILE A 116 -31.14 34.56 -12.12
C ILE A 116 -31.16 35.77 -11.20
N ARG A 117 -31.50 36.92 -11.77
CA ARG A 117 -31.54 38.18 -11.06
C ARG A 117 -32.50 39.06 -11.84
N PHE A 118 -32.55 38.83 -13.15
CA PHE A 118 -33.41 39.59 -14.05
C PHE A 118 -34.19 38.64 -14.93
N MET A 119 -34.61 39.12 -16.10
CA MET A 119 -35.36 38.27 -17.01
C MET A 119 -34.98 38.53 -18.46
N ASP A 120 -33.79 39.09 -18.67
CA ASP A 120 -33.32 39.39 -20.01
C ASP A 120 -33.93 38.43 -21.03
N VAL A 121 -33.22 37.35 -21.35
CA VAL A 121 -33.71 36.39 -22.32
C VAL A 121 -33.02 35.07 -22.11
N GLU A 122 -31.82 35.16 -21.55
CA GLU A 122 -31.06 33.97 -21.27
C GLU A 122 -31.89 33.14 -20.33
N GLU A 123 -32.89 33.78 -19.73
CA GLU A 123 -33.79 33.13 -18.79
C GLU A 123 -34.16 31.80 -19.41
N ALA A 124 -35.41 31.40 -19.24
CA ALA A 124 -35.84 30.14 -19.81
C ALA A 124 -34.69 29.49 -20.58
N MET A 125 -34.35 30.08 -21.72
CA MET A 125 -33.28 29.58 -22.58
C MET A 125 -32.17 28.91 -21.79
N ALA A 126 -31.00 29.54 -21.77
CA ALA A 126 -29.87 28.98 -21.06
C ALA A 126 -30.29 28.44 -19.69
N THR A 127 -30.74 29.34 -18.83
CA THR A 127 -31.19 28.99 -17.48
C THR A 127 -31.20 27.51 -17.18
N LYS A 128 -32.37 26.90 -17.37
CA LYS A 128 -32.52 25.50 -17.08
C LYS A 128 -32.07 24.58 -18.21
N THR A 129 -31.95 25.11 -19.43
CA THR A 129 -31.50 24.25 -20.54
C THR A 129 -30.15 23.70 -20.07
N VAL A 130 -29.12 24.53 -20.15
CA VAL A 130 -27.82 24.11 -19.69
C VAL A 130 -28.13 23.65 -18.27
N GLY A 131 -29.21 24.19 -17.70
CA GLY A 131 -29.64 23.84 -16.35
C GLY A 131 -29.42 22.39 -16.01
N TYR A 132 -30.19 21.47 -16.59
CA TYR A 132 -29.94 20.07 -16.28
C TYR A 132 -28.74 19.53 -17.05
N MET A 133 -28.28 20.32 -18.01
CA MET A 133 -27.09 19.99 -18.79
C MET A 133 -25.94 20.23 -17.83
N HIS A 134 -26.32 20.75 -16.67
CA HIS A 134 -25.41 21.05 -15.59
C HIS A 134 -25.43 19.85 -14.66
N ALA A 135 -26.60 19.22 -14.51
CA ALA A 135 -26.68 18.04 -13.64
C ALA A 135 -25.59 17.18 -14.25
N VAL A 136 -25.43 17.34 -15.56
CA VAL A 136 -24.43 16.64 -16.35
C VAL A 136 -23.02 17.02 -15.89
N ILE A 137 -22.79 18.30 -15.66
CA ILE A 137 -21.48 18.79 -15.24
C ILE A 137 -21.24 18.61 -13.72
N PHE A 138 -21.86 17.60 -13.12
CA PHE A 138 -21.66 17.27 -11.71
C PHE A 138 -21.09 15.88 -11.74
N ALA A 139 -21.54 15.12 -12.74
CA ALA A 139 -21.08 13.76 -12.94
C ALA A 139 -19.72 13.93 -13.67
N VAL A 140 -19.47 15.13 -14.19
CA VAL A 140 -18.21 15.46 -14.89
C VAL A 140 -17.07 15.50 -13.90
N PRO A 141 -17.20 16.27 -12.82
CA PRO A 141 -16.14 16.35 -11.81
C PRO A 141 -15.72 14.97 -11.36
N ALA A 142 -16.70 14.06 -11.19
CA ALA A 142 -16.37 12.68 -10.78
C ALA A 142 -15.24 12.29 -11.72
N TYR A 143 -15.53 12.29 -13.02
CA TYR A 143 -14.51 11.96 -13.98
C TYR A 143 -13.29 12.81 -13.64
N LEU A 144 -13.52 14.10 -13.45
CA LEU A 144 -12.42 15.00 -13.14
C LEU A 144 -11.45 14.29 -12.23
N LEU A 145 -11.96 13.66 -11.18
CA LEU A 145 -11.09 12.95 -10.26
C LEU A 145 -10.24 11.92 -10.99
N PHE A 146 -10.86 11.09 -11.81
CA PHE A 146 -10.11 10.11 -12.57
C PHE A 146 -8.86 10.83 -13.05
N GLN A 147 -9.08 11.93 -13.77
CA GLN A 147 -8.02 12.76 -14.33
C GLN A 147 -6.95 13.00 -13.27
N ALA A 148 -7.42 13.28 -12.06
CA ALA A 148 -6.55 13.50 -10.91
C ALA A 148 -5.44 12.44 -10.86
N LEU A 149 -5.88 11.21 -10.66
CA LEU A 149 -5.00 10.07 -10.57
C LEU A 149 -4.24 9.90 -11.85
N ARG A 150 -4.97 9.72 -12.94
CA ARG A 150 -4.32 9.54 -14.22
C ARG A 150 -3.99 10.90 -14.79
N SER A 151 -4.67 11.28 -15.86
CA SER A 151 -4.49 12.56 -16.52
C SER A 151 -3.19 13.23 -16.06
N PHE A 152 -3.23 13.89 -14.90
CA PHE A 152 -2.05 14.58 -14.32
C PHE A 152 -1.15 13.63 -13.55
N THR A 153 -1.67 13.16 -12.42
CA THR A 153 -0.96 12.24 -11.57
C THR A 153 -0.52 11.07 -12.43
N ASP A 154 -1.45 10.52 -13.19
CA ASP A 154 -1.22 9.35 -14.04
C ASP A 154 -0.48 8.35 -13.19
N GLY A 155 -1.19 7.70 -12.27
CA GLY A 155 -0.52 6.75 -11.40
C GLY A 155 0.66 7.52 -10.83
N MET A 156 1.83 7.32 -11.41
CA MET A 156 3.03 8.05 -10.99
C MET A 156 2.88 9.45 -11.63
N SER A 157 2.98 9.50 -12.96
CA SER A 157 2.84 10.72 -13.74
C SER A 157 3.14 10.37 -15.20
N LEU A 158 2.12 10.39 -16.03
CA LEU A 158 2.31 10.04 -17.44
C LEU A 158 1.19 10.77 -18.14
N THR A 159 1.03 12.03 -17.73
CA THR A 159 0.00 12.83 -18.30
C THR A 159 -0.08 12.61 -19.81
N LYS A 160 -0.98 11.71 -20.17
CA LYS A 160 -1.21 11.39 -21.56
C LYS A 160 -2.69 11.54 -21.83
N PRO A 161 -3.55 11.12 -20.88
CA PRO A 161 -5.00 11.24 -21.07
C PRO A 161 -5.45 12.60 -21.59
N ALA A 162 -4.53 13.54 -21.62
CA ALA A 162 -4.85 14.86 -22.10
C ALA A 162 -5.48 14.64 -23.48
N MET A 163 -4.60 14.39 -24.45
CA MET A 163 -4.97 14.15 -25.83
C MET A 163 -6.04 13.05 -25.95
N VAL A 164 -6.22 12.26 -24.89
CA VAL A 164 -7.22 11.23 -24.93
C VAL A 164 -8.55 11.95 -25.15
N ILE A 165 -9.27 12.27 -24.09
CA ILE A 165 -10.54 12.95 -24.25
C ILE A 165 -10.23 14.32 -24.84
N GLY A 166 -8.94 14.59 -24.99
CA GLY A 166 -8.50 15.86 -25.56
C GLY A 166 -8.98 15.93 -26.99
N PHE A 167 -8.10 15.66 -27.93
CA PHE A 167 -8.47 15.70 -29.34
C PHE A 167 -9.78 14.95 -29.56
N ILE A 168 -9.96 13.88 -28.81
CA ILE A 168 -11.15 13.08 -28.92
C ILE A 168 -12.33 13.85 -28.38
N GLY A 169 -12.17 14.45 -27.22
CA GLY A 169 -13.25 15.21 -26.64
C GLY A 169 -13.82 16.26 -27.57
N LEU A 170 -13.03 17.30 -27.86
CA LEU A 170 -13.47 18.40 -28.74
C LEU A 170 -14.16 17.87 -29.97
N LEU A 171 -13.52 16.90 -30.61
CA LEU A 171 -14.05 16.27 -31.79
C LEU A 171 -15.52 15.97 -31.54
N LEU A 172 -15.75 14.96 -30.72
CA LEU A 172 -17.11 14.54 -30.37
C LEU A 172 -18.07 15.71 -30.18
N ASN A 173 -17.78 16.57 -29.21
CA ASN A 173 -18.64 17.72 -28.96
C ASN A 173 -19.28 18.25 -30.22
N ILE A 174 -18.43 18.61 -31.18
CA ILE A 174 -18.87 19.17 -32.45
C ILE A 174 -20.12 18.53 -33.07
N PRO A 175 -20.02 17.28 -33.55
CA PRO A 175 -21.19 16.63 -34.14
C PRO A 175 -22.33 16.40 -33.14
N LEU A 176 -21.99 16.02 -31.91
CA LEU A 176 -22.99 15.79 -30.85
C LEU A 176 -23.83 17.04 -30.76
N ASN A 177 -23.17 18.17 -30.88
CA ASN A 177 -23.87 19.42 -30.84
C ASN A 177 -24.71 19.43 -32.10
N TRP A 178 -24.08 19.59 -33.26
CA TRP A 178 -24.81 19.61 -34.54
C TRP A 178 -26.18 18.97 -34.45
N ILE A 179 -26.20 17.65 -34.40
CA ILE A 179 -27.45 16.91 -34.35
C ILE A 179 -28.36 17.37 -33.22
N PHE A 180 -27.77 17.71 -32.07
CA PHE A 180 -28.56 18.15 -30.93
C PHE A 180 -28.87 19.62 -30.87
N VAL A 181 -27.84 20.46 -30.92
CA VAL A 181 -28.08 21.89 -30.90
C VAL A 181 -29.20 22.22 -31.93
N TYR A 182 -29.43 21.30 -32.86
CA TYR A 182 -30.50 21.40 -33.87
C TYR A 182 -30.57 20.12 -34.71
N GLY A 183 -29.48 19.84 -35.44
CA GLY A 183 -29.41 18.65 -36.30
C GLY A 183 -30.65 17.81 -36.44
N LYS A 184 -31.10 17.26 -35.30
CA LYS A 184 -32.31 16.43 -35.23
C LYS A 184 -32.23 15.04 -35.85
N PHE A 185 -32.40 14.03 -35.01
CA PHE A 185 -32.38 12.63 -35.41
C PHE A 185 -32.89 11.82 -34.22
N GLY A 186 -33.80 12.46 -33.49
CA GLY A 186 -34.41 11.89 -32.32
C GLY A 186 -35.03 13.08 -31.62
N ALA A 187 -34.39 14.22 -31.84
CA ALA A 187 -34.83 15.49 -31.27
C ALA A 187 -33.86 16.62 -31.62
N PRO A 188 -34.40 17.77 -32.08
CA PRO A 188 -33.65 18.98 -32.46
C PRO A 188 -33.72 19.93 -31.27
N GLU A 189 -32.58 20.52 -30.87
CA GLU A 189 -32.55 21.41 -29.71
C GLU A 189 -32.20 22.88 -30.01
N LEU A 190 -31.87 23.67 -28.97
CA LEU A 190 -31.51 25.08 -29.14
C LEU A 190 -30.05 25.34 -28.70
N GLY A 191 -29.62 26.59 -28.78
CA GLY A 191 -28.26 26.92 -28.39
C GLY A 191 -27.90 26.43 -27.00
N GLY A 192 -28.43 27.13 -26.00
CA GLY A 192 -28.17 26.77 -24.62
C GLY A 192 -28.48 25.30 -24.43
N VAL A 193 -29.63 24.87 -24.94
CA VAL A 193 -30.07 23.49 -24.86
C VAL A 193 -28.99 22.67 -25.58
N GLY A 194 -28.30 23.30 -26.53
CA GLY A 194 -27.27 22.62 -27.29
C GLY A 194 -25.97 22.41 -26.54
N CYS A 195 -25.13 23.45 -26.46
CA CYS A 195 -23.85 23.38 -25.76
C CYS A 195 -24.05 22.51 -24.55
N GLY A 196 -25.24 22.65 -23.98
CA GLY A 196 -25.60 21.88 -22.82
C GLY A 196 -25.60 20.41 -23.15
N VAL A 197 -26.47 19.98 -24.06
CA VAL A 197 -26.50 18.55 -24.42
C VAL A 197 -25.12 18.04 -24.78
N ALA A 198 -24.41 18.78 -25.63
CA ALA A 198 -23.08 18.39 -26.03
C ALA A 198 -22.34 18.01 -24.75
N THR A 199 -22.59 18.78 -23.68
CA THR A 199 -21.96 18.55 -22.38
C THR A 199 -22.28 17.17 -21.74
N ALA A 200 -23.55 16.75 -21.77
CA ALA A 200 -23.94 15.45 -21.19
C ALA A 200 -23.05 14.36 -21.77
N ILE A 201 -22.89 14.44 -23.07
CA ILE A 201 -22.10 13.52 -23.81
C ILE A 201 -20.65 13.66 -23.40
N VAL A 202 -20.31 14.81 -22.84
CA VAL A 202 -18.94 15.03 -22.41
C VAL A 202 -18.57 14.13 -21.25
N TYR A 203 -19.15 14.35 -20.06
CA TYR A 203 -18.75 13.48 -18.94
C TYR A 203 -18.94 12.04 -19.29
N TRP A 204 -19.68 11.81 -20.38
CA TRP A 204 -19.92 10.47 -20.91
C TRP A 204 -18.56 9.99 -21.39
N ILE A 205 -18.07 10.62 -22.45
CA ILE A 205 -16.77 10.31 -23.02
C ILE A 205 -15.75 10.27 -21.92
N MET A 206 -15.82 11.23 -21.04
CA MET A 206 -14.92 11.36 -19.92
C MET A 206 -14.91 10.08 -19.12
N LEU A 207 -16.08 9.62 -18.71
CA LEU A 207 -16.13 8.36 -18.00
C LEU A 207 -15.33 7.37 -18.83
N LEU A 208 -15.62 7.36 -20.13
CA LEU A 208 -14.94 6.47 -21.06
C LEU A 208 -13.46 6.42 -20.78
N LEU A 209 -12.78 7.55 -20.93
CA LEU A 209 -11.36 7.64 -20.67
C LEU A 209 -11.10 7.24 -19.24
N LEU A 210 -12.04 7.59 -18.37
CA LEU A 210 -11.94 7.24 -16.95
C LEU A 210 -11.63 5.77 -16.79
N LEU A 211 -12.66 4.96 -16.56
CA LEU A 211 -12.48 3.52 -16.42
C LEU A 211 -11.36 3.07 -17.34
N PHE A 212 -11.60 3.22 -18.64
CA PHE A 212 -10.65 2.82 -19.67
C PHE A 212 -9.18 3.07 -19.34
N TYR A 213 -8.57 4.09 -19.94
CA TYR A 213 -7.15 4.37 -19.72
C TYR A 213 -6.65 4.11 -18.30
N ILE A 214 -7.55 4.12 -17.32
CA ILE A 214 -7.15 3.87 -15.93
C ILE A 214 -7.14 2.41 -15.45
N VAL A 215 -8.30 1.76 -15.28
CA VAL A 215 -8.30 0.38 -14.82
C VAL A 215 -7.75 -0.58 -15.89
N THR A 216 -7.54 -0.05 -17.10
CA THR A 216 -6.98 -0.80 -18.24
C THR A 216 -5.45 -0.64 -18.22
N SER A 217 -5.02 0.56 -17.85
CA SER A 217 -3.60 0.90 -17.75
C SER A 217 -2.82 -0.04 -18.64
N LYS A 218 -3.00 0.11 -19.96
CA LYS A 218 -2.33 -0.73 -20.96
C LYS A 218 -0.88 -1.03 -20.63
N ARG A 219 -0.35 -0.23 -19.71
CA ARG A 219 1.03 -0.36 -19.29
C ARG A 219 1.24 -0.82 -17.84
N LEU A 220 0.31 -0.50 -16.94
CA LEU A 220 0.46 -0.91 -15.53
C LEU A 220 -0.81 -1.54 -14.92
N ALA A 221 -0.69 -1.97 -13.66
CA ALA A 221 -1.81 -2.56 -12.92
C ALA A 221 -1.86 -1.80 -11.61
N HIS A 222 -1.31 -2.40 -10.57
CA HIS A 222 -1.28 -1.78 -9.24
C HIS A 222 -2.38 -0.74 -9.09
N VAL A 223 -3.61 -1.16 -9.40
CA VAL A 223 -4.77 -0.27 -9.36
C VAL A 223 -5.81 -0.34 -8.25
N LYS A 224 -7.01 0.08 -8.63
CA LYS A 224 -8.21 0.16 -7.80
C LYS A 224 -8.98 -1.16 -7.82
N VAL A 225 -10.16 -1.13 -7.20
CA VAL A 225 -11.10 -2.25 -7.11
C VAL A 225 -12.00 -2.04 -5.89
N PHE A 226 -11.58 -2.50 -4.72
CA PHE A 226 -12.42 -2.33 -3.54
C PHE A 226 -12.10 -1.06 -2.75
N GLU A 227 -13.11 -0.22 -2.60
CA GLU A 227 -12.98 1.03 -1.87
C GLU A 227 -14.11 1.15 -0.85
N THR A 228 -14.08 2.20 -0.05
CA THR A 228 -15.12 2.46 0.96
C THR A 228 -15.16 3.93 1.39
N PHE A 229 -16.06 4.23 2.32
CA PHE A 229 -16.24 5.58 2.86
C PHE A 229 -15.01 5.99 3.65
N HIS A 230 -15.20 6.88 4.62
CA HIS A 230 -14.12 7.34 5.49
C HIS A 230 -14.62 8.56 6.25
N LYS A 231 -14.03 8.82 7.42
CA LYS A 231 -14.43 9.98 8.19
C LYS A 231 -13.14 10.73 8.52
N PRO A 232 -12.08 9.99 8.87
CA PRO A 232 -10.75 10.51 9.23
C PRO A 232 -9.89 10.77 7.97
N GLN A 233 -10.03 9.92 6.97
CA GLN A 233 -9.28 10.17 5.74
C GLN A 233 -10.03 11.37 5.18
N PRO A 234 -11.34 11.48 5.49
CA PRO A 234 -12.21 12.58 5.05
C PRO A 234 -11.93 13.75 5.96
N LYS A 235 -11.01 13.50 6.89
CA LYS A 235 -10.50 14.47 7.86
C LYS A 235 -9.17 14.77 7.17
N GLU A 236 -8.66 13.76 6.47
CA GLU A 236 -7.44 13.93 5.70
C GLU A 236 -7.98 14.59 4.43
N LEU A 237 -9.29 14.51 4.27
CA LEU A 237 -10.01 15.12 3.14
C LEU A 237 -10.21 16.55 3.60
N ILE A 238 -10.19 16.69 4.91
CA ILE A 238 -10.31 17.98 5.53
C ILE A 238 -8.90 18.55 5.37
N ARG A 239 -8.02 17.70 4.86
CA ARG A 239 -6.64 18.07 4.57
C ARG A 239 -6.64 18.17 3.05
N LEU A 240 -7.40 17.28 2.42
CA LEU A 240 -7.57 17.30 0.97
C LEU A 240 -8.25 18.67 0.82
N PHE A 241 -8.83 19.11 1.94
CA PHE A 241 -9.49 20.39 2.08
C PHE A 241 -8.35 21.36 2.49
N ARG A 242 -7.75 21.13 3.66
CA ARG A 242 -6.63 21.98 4.13
C ARG A 242 -5.40 21.80 3.20
N LEU A 243 -5.62 22.13 1.94
CA LEU A 243 -4.63 22.02 0.88
C LEU A 243 -5.43 22.48 -0.32
N GLY A 244 -6.62 21.89 -0.45
CA GLY A 244 -7.55 22.22 -1.53
C GLY A 244 -8.36 23.48 -1.22
N PHE A 245 -8.53 23.77 0.08
CA PHE A 245 -9.25 24.96 0.52
C PHE A 245 -8.35 26.13 0.05
N PRO A 246 -7.02 26.09 0.37
CA PRO A 246 -6.15 27.18 -0.08
C PRO A 246 -6.13 27.43 -1.62
N VAL A 247 -6.47 26.41 -2.43
CA VAL A 247 -6.51 26.58 -3.91
C VAL A 247 -7.92 27.02 -4.38
N ALA A 248 -8.97 26.26 -4.01
CA ALA A 248 -10.35 26.60 -4.39
C ALA A 248 -10.67 28.11 -4.33
N ALA A 249 -10.66 28.67 -3.12
CA ALA A 249 -10.95 30.10 -2.94
C ALA A 249 -9.95 30.89 -3.76
N ALA A 250 -8.68 30.62 -3.51
CA ALA A 250 -7.63 31.28 -4.24
C ALA A 250 -8.01 31.56 -5.70
N LEU A 251 -7.48 30.73 -6.59
CA LEU A 251 -7.73 30.87 -8.02
C LEU A 251 -9.13 31.28 -8.45
N PHE A 252 -10.18 30.72 -7.82
CA PHE A 252 -11.57 31.04 -8.19
C PHE A 252 -12.31 32.06 -7.35
N PHE A 253 -12.13 31.98 -6.05
CA PHE A 253 -12.78 32.99 -5.27
C PHE A 253 -12.14 34.23 -5.80
N GLU A 254 -10.85 34.12 -6.07
CA GLU A 254 -10.11 35.24 -6.61
C GLU A 254 -10.75 35.53 -7.96
N VAL A 255 -11.11 34.46 -8.69
CA VAL A 255 -11.69 34.62 -10.02
C VAL A 255 -12.81 35.64 -9.97
N THR A 256 -13.56 35.66 -8.88
CA THR A 256 -14.64 36.63 -8.76
C THR A 256 -14.01 38.01 -8.58
N LEU A 257 -13.04 38.11 -7.66
CA LEU A 257 -12.36 39.38 -7.40
C LEU A 257 -11.83 39.97 -8.69
N PHE A 258 -11.19 39.13 -9.48
CA PHE A 258 -10.66 39.52 -10.77
C PHE A 258 -11.81 40.25 -11.42
N ALA A 259 -12.86 39.49 -11.69
CA ALA A 259 -14.05 40.02 -12.32
C ALA A 259 -14.35 41.37 -11.69
N VAL A 260 -14.54 41.37 -10.38
CA VAL A 260 -14.86 42.59 -9.63
C VAL A 260 -14.29 43.82 -10.28
N VAL A 261 -13.12 44.18 -9.78
CA VAL A 261 -12.34 45.31 -10.23
C VAL A 261 -12.55 45.79 -11.68
N ALA A 262 -12.11 44.97 -12.62
CA ALA A 262 -12.23 45.29 -14.04
C ALA A 262 -13.58 45.94 -14.29
N LEU A 263 -14.65 45.16 -14.11
CA LEU A 263 -15.99 45.68 -14.31
C LEU A 263 -16.11 47.02 -13.62
N LEU A 264 -16.05 46.99 -12.30
CA LEU A 264 -16.13 48.20 -11.53
C LEU A 264 -15.48 49.26 -12.39
N VAL A 265 -14.21 49.00 -12.68
CA VAL A 265 -13.40 49.90 -13.48
C VAL A 265 -13.50 49.54 -14.94
N ALA A 266 -14.72 49.32 -15.38
CA ALA A 266 -14.96 49.00 -16.76
C ALA A 266 -15.85 50.12 -17.28
N PRO A 267 -16.38 50.98 -16.38
CA PRO A 267 -17.22 52.04 -16.95
C PRO A 267 -16.29 53.13 -17.49
N LEU A 268 -14.99 52.85 -17.45
CA LEU A 268 -13.99 53.79 -17.93
C LEU A 268 -14.04 54.00 -19.44
N GLY A 269 -15.16 53.64 -20.08
CA GLY A 269 -15.32 53.84 -21.52
C GLY A 269 -15.96 52.76 -22.40
N SER A 270 -15.71 52.88 -23.71
CA SER A 270 -16.17 51.90 -24.68
C SER A 270 -14.94 50.99 -24.84
N THR A 271 -13.84 51.47 -24.26
CA THR A 271 -12.59 50.73 -24.25
C THR A 271 -13.02 49.34 -23.83
N VAL A 272 -13.97 49.27 -22.88
CA VAL A 272 -14.47 47.99 -22.38
C VAL A 272 -13.90 46.96 -23.30
N VAL A 273 -14.25 47.03 -24.57
CA VAL A 273 -13.71 46.11 -25.54
C VAL A 273 -12.20 46.14 -25.47
N ALA A 274 -11.59 47.23 -25.93
CA ALA A 274 -10.14 47.40 -25.84
C ALA A 274 -9.66 46.50 -24.72
N ALA A 275 -9.97 46.94 -23.52
CA ALA A 275 -9.66 46.24 -22.29
C ALA A 275 -10.16 44.82 -22.51
N HIS A 276 -11.45 44.62 -22.35
CA HIS A 276 -12.08 43.33 -22.56
C HIS A 276 -11.32 42.58 -23.66
N GLN A 277 -11.76 42.77 -24.90
CA GLN A 277 -11.18 42.10 -26.07
C GLN A 277 -9.70 41.77 -25.89
N VAL A 278 -8.86 42.79 -26.09
CA VAL A 278 -7.41 42.67 -25.96
C VAL A 278 -7.03 41.75 -24.78
N ALA A 279 -6.70 42.43 -23.67
CA ALA A 279 -6.30 41.82 -22.44
C ALA A 279 -6.91 40.44 -22.34
N LEU A 280 -8.11 40.40 -21.79
CA LEU A 280 -8.82 39.15 -21.58
C LEU A 280 -8.49 38.01 -22.57
N ASN A 281 -9.09 38.07 -23.75
CA ASN A 281 -8.90 37.03 -24.74
C ASN A 281 -7.50 36.51 -24.92
N PHE A 282 -6.74 37.21 -25.75
CA PHE A 282 -5.40 36.79 -26.04
C PHE A 282 -4.71 36.31 -24.81
N SER A 283 -4.54 37.23 -23.86
CA SER A 283 -3.89 36.91 -22.59
C SER A 283 -4.36 35.54 -22.14
N SER A 284 -5.57 35.50 -21.58
CA SER A 284 -6.18 34.25 -21.12
C SER A 284 -5.57 33.00 -21.70
N LEU A 285 -5.28 33.05 -22.99
CA LEU A 285 -4.67 31.94 -23.66
C LEU A 285 -3.18 31.84 -23.41
N VAL A 286 -2.45 32.95 -23.51
CA VAL A 286 -1.01 32.90 -23.24
C VAL A 286 -0.84 32.47 -21.77
N PHE A 287 -1.80 32.86 -20.93
CA PHE A 287 -1.82 32.50 -19.50
C PHE A 287 -1.92 31.00 -19.49
N MET A 288 -2.93 30.52 -20.20
CA MET A 288 -3.17 29.12 -20.33
C MET A 288 -1.81 28.42 -20.47
N PHE A 289 -0.86 29.02 -21.18
CA PHE A 289 0.49 28.46 -21.35
C PHE A 289 1.30 28.23 -20.07
N PRO A 290 1.81 29.29 -19.42
CA PRO A 290 2.59 29.08 -18.21
C PRO A 290 1.88 28.21 -17.18
N MET A 291 0.55 28.27 -17.12
CA MET A 291 -0.17 27.44 -16.17
C MET A 291 0.09 25.96 -16.48
N SER A 292 0.22 25.67 -17.77
CA SER A 292 0.52 24.32 -18.25
C SER A 292 1.76 23.84 -17.52
N ILE A 293 2.85 24.57 -17.70
CA ILE A 293 4.13 24.25 -17.09
C ILE A 293 3.93 23.98 -15.59
N GLY A 294 3.20 24.86 -14.92
CA GLY A 294 2.97 24.70 -13.49
C GLY A 294 2.67 23.28 -13.04
N ALA A 295 1.45 22.85 -13.31
CA ALA A 295 1.03 21.53 -12.88
C ALA A 295 2.00 20.46 -13.30
N ALA A 296 2.80 20.73 -14.34
CA ALA A 296 3.79 19.75 -14.81
C ALA A 296 4.84 19.71 -13.75
N VAL A 297 5.47 20.86 -13.56
CA VAL A 297 6.49 21.00 -12.57
C VAL A 297 5.83 20.82 -11.21
N SER A 298 4.57 21.20 -11.07
CA SER A 298 3.89 21.05 -9.79
C SER A 298 3.86 19.59 -9.41
N ILE A 299 3.45 18.74 -10.34
CA ILE A 299 3.41 17.29 -10.10
C ILE A 299 4.82 16.76 -10.19
N ARG A 300 5.55 17.17 -11.24
CA ARG A 300 6.93 16.73 -11.45
C ARG A 300 7.77 16.98 -10.21
N VAL A 301 7.56 18.13 -9.55
CA VAL A 301 8.29 18.50 -8.35
C VAL A 301 7.80 17.64 -7.21
N GLY A 302 6.56 17.16 -7.33
CA GLY A 302 5.94 16.35 -6.29
C GLY A 302 6.26 14.86 -6.34
N HIS A 303 6.78 14.39 -7.47
CA HIS A 303 7.14 12.97 -7.59
C HIS A 303 8.60 12.83 -7.17
N LYS A 304 9.47 13.69 -7.70
CA LYS A 304 10.90 13.68 -7.37
C LYS A 304 11.06 14.03 -5.87
N LEU A 305 10.02 14.67 -5.33
CA LEU A 305 9.92 15.08 -3.93
C LEU A 305 9.91 13.76 -3.14
N GLY A 306 9.16 12.78 -3.65
CA GLY A 306 9.03 11.50 -2.98
C GLY A 306 9.93 10.31 -3.27
N GLU A 307 11.04 10.47 -4.00
CA GLU A 307 11.89 9.31 -4.24
C GLU A 307 12.98 9.23 -3.17
N GLN A 308 14.17 9.71 -3.48
CA GLN A 308 15.21 9.71 -2.46
C GLN A 308 15.00 11.03 -1.72
N ASP A 309 14.00 11.80 -2.18
CA ASP A 309 13.65 13.09 -1.60
C ASP A 309 14.79 14.05 -1.95
N THR A 310 15.31 13.86 -3.16
CA THR A 310 16.44 14.62 -3.70
C THR A 310 16.17 16.11 -3.85
N LYS A 311 16.85 16.71 -4.83
CA LYS A 311 16.80 18.13 -5.11
C LYS A 311 15.82 18.60 -6.17
N GLY A 312 14.59 18.09 -6.10
CA GLY A 312 13.58 18.49 -7.06
C GLY A 312 13.43 20.01 -7.14
N ALA A 313 13.79 20.68 -6.06
CA ALA A 313 13.71 22.13 -6.02
C ALA A 313 14.55 22.66 -7.15
N ALA A 314 15.83 22.94 -6.89
CA ALA A 314 16.70 23.45 -7.94
C ALA A 314 16.22 22.92 -9.28
N ILE A 315 15.91 21.63 -9.31
CA ILE A 315 15.40 21.02 -10.53
C ILE A 315 14.00 21.61 -10.71
N ALA A 316 12.96 20.77 -10.60
CA ALA A 316 11.56 21.20 -10.75
C ALA A 316 11.36 22.70 -10.52
N ALA A 317 11.96 23.21 -9.46
CA ALA A 317 11.89 24.63 -9.16
C ALA A 317 12.66 25.35 -10.24
N ASN A 318 13.95 25.59 -10.00
CA ASN A 318 14.79 26.32 -10.95
C ASN A 318 14.59 25.90 -12.41
N VAL A 319 14.11 24.69 -12.65
CA VAL A 319 13.86 24.33 -14.04
C VAL A 319 12.59 25.05 -14.41
N GLY A 320 11.45 24.40 -14.12
CA GLY A 320 10.16 24.96 -14.45
C GLY A 320 10.21 26.47 -14.58
N LEU A 321 10.83 27.10 -13.58
CA LEU A 321 10.94 28.54 -13.58
C LEU A 321 11.61 28.91 -14.87
N MET A 322 12.95 28.81 -14.87
CA MET A 322 13.77 29.15 -16.01
C MET A 322 13.04 29.12 -17.35
N THR A 323 12.28 28.04 -17.58
CA THR A 323 11.56 27.85 -18.83
C THR A 323 10.29 28.67 -19.09
N GLY A 324 9.41 28.74 -18.10
CA GLY A 324 8.18 29.50 -18.31
C GLY A 324 8.50 30.92 -18.71
N LEU A 325 9.69 31.38 -18.31
CA LEU A 325 10.16 32.73 -18.60
C LEU A 325 10.34 32.72 -20.10
N ALA A 326 10.90 31.63 -20.61
CA ALA A 326 11.07 31.49 -22.04
C ALA A 326 9.65 31.73 -22.55
N THR A 327 8.80 30.71 -22.43
CA THR A 327 7.41 30.79 -22.87
C THR A 327 6.79 32.17 -22.60
N ALA A 328 6.93 32.67 -21.38
CA ALA A 328 6.39 33.99 -21.05
C ALA A 328 7.16 34.95 -21.92
N CYS A 329 8.47 34.90 -21.78
CA CYS A 329 9.39 35.71 -22.54
C CYS A 329 9.02 35.53 -24.02
N ILE A 330 9.37 34.38 -24.59
CA ILE A 330 9.05 34.10 -25.99
C ILE A 330 7.64 34.47 -26.41
N THR A 331 6.62 34.00 -25.68
CA THR A 331 5.25 34.35 -26.03
C THR A 331 5.08 35.86 -25.92
N ALA A 332 5.47 36.42 -24.78
CA ALA A 332 5.38 37.84 -24.58
C ALA A 332 6.08 38.54 -25.77
N LEU A 333 7.41 38.45 -25.84
CA LEU A 333 8.16 39.09 -26.92
C LEU A 333 7.83 38.66 -28.36
N LEU A 334 6.78 37.86 -28.55
CA LEU A 334 6.35 37.44 -29.89
C LEU A 334 5.01 38.09 -30.03
N THR A 335 4.37 38.24 -28.87
CA THR A 335 3.06 38.87 -28.74
C THR A 335 3.12 40.26 -29.38
N VAL A 336 4.21 40.95 -29.09
CA VAL A 336 4.47 42.31 -29.54
C VAL A 336 4.10 42.59 -30.99
N LEU A 337 4.45 41.65 -31.87
CA LEU A 337 4.17 41.80 -33.27
C LEU A 337 2.70 41.75 -33.56
N PHE A 338 2.19 40.58 -33.23
CA PHE A 338 0.82 40.17 -33.42
C PHE A 338 -0.28 41.14 -33.00
N ARG A 339 0.06 42.21 -32.30
CA ARG A 339 -0.96 43.16 -31.90
C ARG A 339 -2.05 43.34 -32.98
N GLU A 340 -1.88 44.31 -33.86
CA GLU A 340 -2.81 44.59 -34.97
C GLU A 340 -3.77 43.50 -35.44
N GLN A 341 -3.25 42.38 -35.94
CA GLN A 341 -4.10 41.28 -36.40
C GLN A 341 -4.74 40.59 -35.21
N ILE A 342 -3.95 40.39 -34.16
CA ILE A 342 -4.48 39.81 -32.93
C ILE A 342 -5.61 40.74 -32.58
N ALA A 343 -5.29 42.03 -32.54
CA ALA A 343 -6.26 43.07 -32.24
C ALA A 343 -7.56 42.57 -32.88
N LEU A 344 -7.54 42.45 -34.21
CA LEU A 344 -8.69 41.96 -34.96
C LEU A 344 -9.42 40.97 -34.12
N LEU A 345 -8.74 39.88 -33.84
CA LEU A 345 -9.26 38.83 -33.00
C LEU A 345 -10.75 38.78 -33.02
N TYR A 346 -11.38 39.56 -32.15
CA TYR A 346 -12.84 39.60 -32.10
C TYR A 346 -13.11 40.42 -33.34
N THR A 347 -13.69 39.74 -34.32
CA THR A 347 -14.05 40.31 -35.61
C THR A 347 -14.89 41.57 -35.46
N GLU A 348 -14.29 42.73 -35.81
CA GLU A 348 -14.92 44.06 -35.73
C GLU A 348 -14.25 45.06 -36.70
N ASN A 349 -13.74 46.16 -36.15
CA ASN A 349 -13.06 47.21 -36.94
C ASN A 349 -11.79 47.70 -36.24
N GLN A 350 -11.46 48.97 -36.47
CA GLN A 350 -10.31 49.57 -35.84
C GLN A 350 -10.49 49.42 -34.33
N VAL A 351 -11.75 49.43 -33.91
CA VAL A 351 -12.15 49.28 -32.52
C VAL A 351 -11.04 48.87 -31.55
N VAL A 352 -10.38 49.90 -31.02
CA VAL A 352 -9.27 49.86 -30.05
C VAL A 352 -7.84 49.47 -30.44
N VAL A 353 -7.68 48.79 -31.58
CA VAL A 353 -6.40 48.30 -32.11
C VAL A 353 -5.22 49.17 -31.73
N ALA A 354 -5.44 50.48 -31.75
CA ALA A 354 -4.46 51.46 -31.36
C ALA A 354 -4.16 51.22 -29.87
N LEU A 355 -5.06 51.67 -29.00
CA LEU A 355 -4.88 51.47 -27.58
C LEU A 355 -4.86 50.00 -27.35
N ALA A 356 -5.64 49.29 -28.16
CA ALA A 356 -5.66 47.85 -28.06
C ALA A 356 -4.19 47.57 -28.19
N MET A 357 -3.62 47.87 -29.37
CA MET A 357 -2.21 47.66 -29.59
C MET A 357 -1.42 48.03 -28.35
N GLN A 358 -1.83 49.11 -27.69
CA GLN A 358 -1.18 49.54 -26.46
C GLN A 358 -1.51 48.58 -25.33
N LEU A 359 -2.79 48.32 -25.14
CA LEU A 359 -3.20 47.39 -24.11
C LEU A 359 -2.55 46.09 -24.43
N LEU A 360 -2.61 45.72 -25.70
CA LEU A 360 -1.99 44.49 -26.13
C LEU A 360 -0.68 44.38 -25.36
N LEU A 361 0.15 45.41 -25.51
CA LEU A 361 1.43 45.49 -24.85
C LEU A 361 1.45 45.07 -23.36
N PHE A 362 0.48 45.59 -22.62
CA PHE A 362 0.33 45.29 -21.20
C PHE A 362 0.37 43.77 -20.93
N ALA A 363 -0.37 43.03 -21.75
CA ALA A 363 -0.45 41.60 -21.62
C ALA A 363 0.90 40.88 -21.73
N ALA A 364 1.60 41.12 -22.85
CA ALA A 364 2.89 40.48 -23.09
C ALA A 364 3.69 40.45 -21.82
N ILE A 365 3.78 41.61 -21.20
CA ILE A 365 4.52 41.74 -19.97
C ILE A 365 3.87 41.02 -18.78
N TYR A 366 2.55 41.03 -18.72
CA TYR A 366 1.80 40.35 -17.65
C TYR A 366 2.17 38.89 -17.82
N GLN A 367 1.87 38.34 -18.99
CA GLN A 367 2.20 36.97 -19.30
C GLN A 367 3.54 36.62 -18.72
N CYS A 368 4.46 37.57 -18.81
CA CYS A 368 5.81 37.41 -18.28
C CYS A 368 5.75 37.15 -16.80
N MET A 369 5.58 38.21 -16.02
CA MET A 369 5.50 38.14 -14.56
C MET A 369 4.39 37.25 -14.08
N ASP A 370 3.33 37.10 -14.86
CA ASP A 370 2.24 36.24 -14.49
C ASP A 370 2.77 34.82 -14.46
N ALA A 371 3.47 34.49 -15.53
CA ALA A 371 4.06 33.19 -15.68
C ALA A 371 4.78 32.84 -14.40
N VAL A 372 5.80 33.64 -14.08
CA VAL A 372 6.63 33.44 -12.90
C VAL A 372 5.78 33.22 -11.65
N GLN A 373 4.72 34.02 -11.49
CA GLN A 373 3.84 33.90 -10.34
C GLN A 373 3.24 32.49 -10.39
N VAL A 374 2.55 32.14 -11.48
CA VAL A 374 1.93 30.82 -11.60
C VAL A 374 2.78 29.64 -11.13
N VAL A 375 3.79 29.38 -11.95
CA VAL A 375 4.72 28.30 -11.72
C VAL A 375 5.05 28.11 -10.23
N ALA A 376 6.08 28.80 -9.76
CA ALA A 376 6.52 28.70 -8.38
C ALA A 376 5.37 28.31 -7.52
N ALA A 377 4.47 29.28 -7.39
CA ALA A 377 3.26 29.18 -6.59
C ALA A 377 2.56 27.84 -6.70
N GLY A 378 1.46 27.86 -7.45
CA GLY A 378 0.64 26.69 -7.65
C GLY A 378 1.35 25.37 -7.87
N SER A 379 2.62 25.44 -8.30
CA SER A 379 3.39 24.23 -8.53
C SER A 379 4.29 23.84 -7.37
N LEU A 380 5.46 24.46 -7.29
CA LEU A 380 6.42 24.10 -6.24
C LEU A 380 5.67 24.18 -4.94
N ARG A 381 5.14 25.35 -4.63
CA ARG A 381 4.39 25.50 -3.42
C ARG A 381 3.15 24.67 -3.62
N GLY A 382 2.76 24.53 -4.88
CA GLY A 382 1.59 23.75 -5.17
C GLY A 382 1.79 22.38 -4.57
N TYR A 383 2.99 22.05 -4.10
CA TYR A 383 3.17 20.72 -3.52
C TYR A 383 2.22 20.26 -2.41
N LYS A 384 2.02 21.15 -1.44
CA LYS A 384 1.11 20.95 -0.31
C LYS A 384 0.41 22.03 0.48
N ASP A 385 0.98 22.37 1.63
CA ASP A 385 0.45 23.40 2.53
C ASP A 385 0.98 24.71 1.99
N MET A 386 2.03 24.67 1.18
CA MET A 386 2.53 25.92 0.66
C MET A 386 1.27 26.46 0.05
N THR A 387 0.51 25.54 -0.54
CA THR A 387 -0.76 25.89 -1.18
C THR A 387 -1.54 26.70 -0.14
N ALA A 388 -1.41 26.36 1.15
CA ALA A 388 -2.10 27.13 2.18
C ALA A 388 -1.54 28.56 2.16
N ILE A 389 -0.23 28.73 2.39
CA ILE A 389 0.35 30.05 2.40
C ILE A 389 0.70 30.61 1.02
N PHE A 390 0.40 29.84 -0.02
CA PHE A 390 0.66 30.35 -1.35
C PHE A 390 -0.62 31.13 -1.62
N HIS A 391 -1.65 30.76 -0.86
CA HIS A 391 -2.97 31.37 -0.94
C HIS A 391 -2.90 32.74 -0.33
N ARG A 392 -2.33 32.77 0.88
CA ARG A 392 -2.14 34.00 1.60
C ARG A 392 -1.43 34.88 0.60
N THR A 393 -0.33 34.35 0.09
CA THR A 393 0.49 35.03 -0.89
C THR A 393 -0.37 35.59 -2.00
N PHE A 394 -1.40 34.82 -2.32
CA PHE A 394 -2.29 35.17 -3.39
C PHE A 394 -2.97 36.47 -3.22
N ILE A 395 -3.62 36.65 -2.09
CA ILE A 395 -4.32 37.90 -1.89
C ILE A 395 -3.37 39.07 -1.56
N SER A 396 -2.12 38.75 -1.18
CA SER A 396 -1.09 39.77 -0.88
C SER A 396 -0.85 40.67 -2.08
N TYR A 397 -0.73 40.03 -3.25
CA TYR A 397 -0.52 40.77 -4.49
C TYR A 397 -1.88 41.33 -4.92
N TRP A 398 -2.97 40.69 -4.47
CA TRP A 398 -4.33 41.13 -4.80
C TRP A 398 -4.61 42.55 -4.32
N VAL A 399 -5.08 42.68 -3.08
CA VAL A 399 -5.41 43.99 -2.52
C VAL A 399 -4.34 45.04 -2.83
N LEU A 400 -3.08 44.66 -2.72
CA LEU A 400 -2.00 45.58 -3.04
C LEU A 400 -2.20 45.90 -4.50
N GLY A 401 -2.04 44.90 -5.36
CA GLY A 401 -2.20 45.10 -6.79
C GLY A 401 -3.40 45.95 -7.18
N LEU A 402 -4.54 45.32 -7.44
CA LEU A 402 -5.77 46.02 -7.88
C LEU A 402 -6.07 47.41 -7.31
N PRO A 403 -6.42 47.51 -6.01
CA PRO A 403 -6.66 48.87 -5.57
C PRO A 403 -5.53 49.75 -6.05
N THR A 404 -4.26 49.31 -5.90
CA THR A 404 -3.08 50.07 -6.35
C THR A 404 -3.21 50.33 -7.84
N GLY A 405 -3.59 49.28 -8.58
CA GLY A 405 -3.75 49.34 -10.02
C GLY A 405 -4.97 50.13 -10.46
N TYR A 406 -6.11 49.97 -9.78
CA TYR A 406 -7.29 50.74 -10.16
C TYR A 406 -6.95 52.16 -9.81
N ILE A 407 -6.47 52.34 -8.57
CA ILE A 407 -6.08 53.65 -8.11
C ILE A 407 -4.87 54.11 -8.93
N LEU A 408 -4.56 53.30 -9.96
CA LEU A 408 -3.48 53.62 -10.89
C LEU A 408 -4.33 54.20 -12.00
N GLY A 409 -5.38 53.48 -12.37
CA GLY A 409 -6.26 54.06 -13.35
C GLY A 409 -6.47 55.29 -12.53
N MET A 410 -7.04 55.12 -11.34
CA MET A 410 -7.30 56.21 -10.40
C MET A 410 -6.10 57.09 -9.99
N THR A 411 -4.88 56.74 -10.38
CA THR A 411 -3.71 57.55 -10.05
C THR A 411 -3.78 58.60 -11.10
N ASN A 412 -4.41 58.23 -12.20
CA ASN A 412 -4.60 59.16 -13.27
C ASN A 412 -5.59 60.02 -12.51
N TRP A 413 -6.56 59.35 -11.89
CA TRP A 413 -7.55 60.06 -11.11
C TRP A 413 -6.74 60.77 -9.98
N LEU A 414 -5.44 60.48 -9.86
CA LEU A 414 -4.58 61.10 -8.82
C LEU A 414 -3.30 61.82 -9.36
N THR A 415 -2.15 61.16 -9.23
CA THR A 415 -0.84 61.67 -9.68
C THR A 415 -0.93 62.20 -11.08
N GLU A 416 -0.74 61.25 -12.01
CA GLU A 416 -0.77 61.48 -13.44
C GLU A 416 -0.13 60.39 -14.35
N GLN A 417 -0.78 60.14 -15.49
CA GLN A 417 -0.37 59.12 -16.49
C GLN A 417 -0.95 59.36 -17.93
N PRO A 418 -0.34 58.73 -18.97
CA PRO A 418 -0.91 58.93 -20.32
C PRO A 418 -2.34 58.36 -20.59
N LEU A 419 -2.78 57.28 -19.91
CA LEU A 419 -4.15 56.67 -20.11
C LEU A 419 -4.70 55.79 -18.92
N GLY A 420 -5.41 56.42 -18.00
CA GLY A 420 -5.97 55.73 -16.83
C GLY A 420 -6.60 54.38 -16.99
N ALA A 421 -7.13 54.09 -18.17
CA ALA A 421 -7.76 52.80 -18.48
C ALA A 421 -6.66 51.78 -18.72
N LYS A 422 -5.95 51.93 -19.85
CA LYS A 422 -4.85 51.05 -20.16
C LYS A 422 -4.12 50.91 -18.83
N GLY A 423 -3.55 52.03 -18.41
CA GLY A 423 -2.76 52.11 -17.19
C GLY A 423 -3.33 51.43 -15.98
N PHE A 424 -4.64 51.45 -15.80
CA PHE A 424 -5.18 50.81 -14.64
C PHE A 424 -5.14 49.30 -14.91
N TRP A 425 -5.39 48.93 -16.17
CA TRP A 425 -5.33 47.54 -16.58
C TRP A 425 -3.97 47.05 -16.08
N LEU A 426 -2.96 47.87 -16.32
CA LEU A 426 -1.56 47.63 -15.94
C LEU A 426 -1.29 47.39 -14.46
N GLY A 427 -1.79 48.29 -13.61
CA GLY A 427 -1.56 48.15 -12.18
C GLY A 427 -1.75 46.72 -11.77
N PHE A 428 -2.60 46.02 -12.51
CA PHE A 428 -2.88 44.62 -12.24
C PHE A 428 -1.59 43.82 -12.35
N ILE A 429 -0.85 44.06 -13.43
CA ILE A 429 0.41 43.35 -13.64
C ILE A 429 1.25 43.53 -12.37
N ILE A 430 1.35 44.78 -11.90
CA ILE A 430 2.09 45.10 -10.69
C ILE A 430 1.76 44.08 -9.63
N GLY A 431 0.50 43.69 -9.61
CA GLY A 431 0.05 42.72 -8.63
C GLY A 431 0.75 41.41 -8.85
N LEU A 432 0.65 40.89 -10.07
CA LEU A 432 1.25 39.59 -10.40
C LEU A 432 2.75 39.52 -10.31
N SER A 433 3.43 40.62 -10.60
CA SER A 433 4.89 40.67 -10.50
C SER A 433 5.19 40.87 -9.04
N ALA A 434 4.22 41.45 -8.34
CA ALA A 434 4.29 41.72 -6.91
C ALA A 434 4.17 40.38 -6.15
N ALA A 435 3.07 39.66 -6.34
CA ALA A 435 2.89 38.34 -5.71
C ALA A 435 3.99 37.46 -6.26
N ALA A 436 4.22 37.55 -7.57
CA ALA A 436 5.26 36.76 -8.21
C ALA A 436 6.55 36.91 -7.41
N LEU A 437 6.72 38.05 -6.74
CA LEU A 437 7.90 38.24 -5.92
C LEU A 437 7.64 37.43 -4.64
N MET A 438 6.41 37.53 -4.14
CA MET A 438 5.97 36.87 -2.90
C MET A 438 6.29 35.38 -2.69
N LEU A 439 6.12 34.57 -3.72
CA LEU A 439 6.37 33.12 -3.59
C LEU A 439 7.87 32.84 -3.69
N GLY A 440 8.60 33.83 -4.21
CA GLY A 440 10.04 33.72 -4.38
C GLY A 440 10.76 33.72 -3.04
N GLN A 441 10.18 34.44 -2.08
CA GLN A 441 10.73 34.52 -0.71
C GLN A 441 10.13 33.33 0.07
N ARG A 442 9.44 32.45 -0.68
CA ARG A 442 8.83 31.22 -0.16
C ARG A 442 9.91 30.24 -0.59
N LEU A 443 10.97 30.83 -1.19
CA LEU A 443 12.18 30.17 -1.71
C LEU A 443 12.30 28.97 -0.82
N TYR A 444 11.60 27.92 -1.26
CA TYR A 444 11.53 26.65 -0.58
C TYR A 444 11.25 26.77 0.94
N TRP A 445 11.69 27.89 1.51
CA TRP A 445 11.38 28.25 2.90
C TRP A 445 12.60 28.14 3.88
N LEU A 446 13.55 27.28 3.60
CA LEU A 446 14.90 27.42 4.12
C LEU A 446 15.39 26.36 3.20
N GLN A 447 14.54 26.14 2.20
CA GLN A 447 14.84 25.20 1.13
C GLN A 447 14.21 24.01 1.85
N LYS A 448 14.82 22.82 1.73
CA LYS A 448 14.38 21.59 2.39
C LYS A 448 15.45 20.87 3.21
N GLN A 449 15.14 20.54 4.46
CA GLN A 449 16.09 19.84 5.33
C GLN A 449 15.62 18.41 5.48
N SER A 450 14.58 18.28 6.28
CA SER A 450 13.92 17.02 6.56
C SER A 450 12.56 17.56 6.96
N ASP A 451 12.36 18.83 6.65
CA ASP A 451 11.11 19.49 6.94
C ASP A 451 10.24 19.17 5.74
N ASP A 452 10.76 18.31 4.88
CA ASP A 452 10.07 17.86 3.68
C ASP A 452 9.02 16.80 4.01
N VAL A 453 9.43 15.81 4.78
CA VAL A 453 8.53 14.74 5.19
C VAL A 453 7.67 15.34 6.30
N GLN A 454 8.03 16.57 6.71
CA GLN A 454 7.34 17.33 7.76
C GLN A 454 6.08 17.92 7.13
N LEU A 455 6.21 18.28 5.85
CA LEU A 455 5.12 18.85 5.06
C LEU A 455 4.19 17.69 4.75
N HIS A 456 4.75 16.50 4.87
CA HIS A 456 4.04 15.26 4.61
C HIS A 456 3.99 14.48 5.93
N LEU A 457 3.91 15.26 7.01
CA LEU A 457 3.77 14.79 8.39
C LEU A 457 2.60 15.65 8.91
N ALA A 458 2.16 16.53 8.02
CA ALA A 458 1.03 17.41 8.23
C ALA A 458 0.19 17.17 6.97
N ALA A 459 0.69 16.27 6.12
CA ALA A 459 0.05 15.86 4.85
C ALA A 459 0.02 14.34 4.65
N LYS A 460 1.09 13.66 5.10
CA LYS A 460 1.30 12.20 5.00
C LYS A 460 0.32 11.38 4.17
N GLU B 1 21.99 6.89 9.67
CA GLU B 1 21.62 6.24 8.41
C GLU B 1 22.12 4.78 8.41
N ASN B 2 22.84 4.38 9.48
CA ASN B 2 23.39 3.03 9.57
C ASN B 2 23.19 2.37 10.92
N SER B 3 22.55 1.21 10.95
CA SER B 3 22.35 0.48 12.21
C SER B 3 21.45 1.14 13.21
N VAL B 4 21.41 2.44 13.12
CA VAL B 4 20.59 3.27 13.99
C VAL B 4 19.10 2.79 13.88
N HIS B 5 18.45 3.09 12.76
CA HIS B 5 17.07 2.70 12.54
C HIS B 5 16.93 1.16 12.47
N ARG B 6 18.02 0.47 12.10
CA ARG B 6 18.00 -0.98 11.99
C ARG B 6 17.63 -1.54 13.36
N TYR B 7 18.64 -1.75 14.19
CA TYR B 7 18.39 -2.30 15.52
C TYR B 7 17.20 -1.68 16.21
N LYS B 8 16.91 -0.43 15.90
CA LYS B 8 15.79 0.22 16.52
C LYS B 8 14.56 -0.59 16.23
N LYS B 9 14.02 -0.42 15.03
CA LYS B 9 12.81 -1.15 14.62
C LYS B 9 13.03 -2.63 14.57
N GLU B 10 14.22 -3.03 14.14
CA GLU B 10 14.53 -4.44 14.10
C GLU B 10 14.20 -4.99 15.52
N ALA B 11 14.99 -4.53 16.49
CA ALA B 11 14.83 -4.92 17.88
C ALA B 11 13.36 -4.93 18.23
N SER B 12 12.76 -3.76 18.24
CA SER B 12 11.35 -3.66 18.57
C SER B 12 10.62 -4.82 17.92
N ASN B 13 10.41 -4.74 16.62
CA ASN B 13 9.66 -5.76 15.89
C ASN B 13 9.83 -7.20 16.38
N LEU B 14 11.08 -7.63 16.40
CA LEU B 14 11.35 -8.99 16.82
C LEU B 14 10.64 -9.36 18.12
N ILE B 15 10.88 -8.58 19.18
CA ILE B 15 10.30 -8.83 20.51
C ILE B 15 8.79 -8.88 20.59
N LYS B 16 8.14 -7.92 19.94
CA LYS B 16 6.69 -7.84 19.93
C LYS B 16 6.19 -9.19 19.52
N LEU B 17 6.98 -9.84 18.68
CA LEU B 17 6.67 -11.17 18.21
C LEU B 17 7.39 -12.13 19.11
N ALA B 18 8.62 -11.75 19.48
CA ALA B 18 9.49 -12.56 20.38
C ALA B 18 8.67 -13.15 21.51
N THR B 19 8.61 -12.46 22.64
CA THR B 19 7.83 -12.97 23.77
C THR B 19 6.56 -13.68 23.31
N PRO B 20 5.73 -13.06 22.45
CA PRO B 20 4.53 -13.76 22.02
C PRO B 20 4.90 -15.16 21.64
N VAL B 21 5.30 -15.30 20.38
CA VAL B 21 5.70 -16.57 19.79
C VAL B 21 6.43 -17.53 20.73
N LEU B 22 7.30 -16.99 21.58
CA LEU B 22 8.02 -17.86 22.48
C LEU B 22 7.03 -18.57 23.38
N ILE B 23 6.35 -17.81 24.22
CA ILE B 23 5.37 -18.37 25.13
C ILE B 23 4.60 -19.50 24.44
N ALA B 24 4.20 -19.24 23.20
CA ALA B 24 3.45 -20.19 22.41
C ALA B 24 4.06 -21.58 22.45
N SER B 25 5.36 -21.66 22.29
CA SER B 25 6.02 -22.94 22.32
C SER B 25 5.73 -23.56 23.67
N VAL B 26 5.82 -22.75 24.72
CA VAL B 26 5.57 -23.20 26.09
C VAL B 26 4.23 -23.89 26.11
N ALA B 27 3.38 -23.48 25.18
CA ALA B 27 2.10 -24.11 25.07
C ALA B 27 2.42 -25.49 24.52
N GLN B 28 2.61 -25.60 23.21
CA GLN B 28 2.90 -26.89 22.57
C GLN B 28 3.63 -27.83 23.52
N THR B 29 4.89 -27.53 23.79
CA THR B 29 5.68 -28.35 24.70
C THR B 29 5.10 -28.36 26.12
N GLY B 30 5.15 -27.21 26.81
CA GLY B 30 4.60 -27.11 28.15
C GLY B 30 3.39 -28.02 28.32
N MET B 31 2.24 -27.63 27.77
CA MET B 31 1.00 -28.41 27.83
C MET B 31 1.34 -29.84 27.45
N GLY B 32 2.01 -29.96 26.30
CA GLY B 32 2.42 -31.23 25.75
C GLY B 32 2.69 -32.25 26.82
N PHE B 33 3.92 -32.28 27.31
CA PHE B 33 4.29 -33.25 28.33
C PHE B 33 3.42 -33.09 29.59
N VAL B 34 3.13 -31.85 29.97
CA VAL B 34 2.34 -31.59 31.18
C VAL B 34 1.18 -32.58 31.31
N ASP B 35 -0.01 -32.24 30.81
CA ASP B 35 -1.15 -33.15 30.92
C ASP B 35 -0.86 -34.53 30.32
N THR B 36 -0.05 -34.53 29.26
CA THR B 36 0.30 -35.78 28.57
C THR B 36 1.02 -36.75 29.56
N ILE B 37 2.31 -36.52 29.80
CA ILE B 37 3.08 -37.39 30.71
C ILE B 37 2.48 -37.44 32.12
N MET B 38 2.42 -36.32 32.83
CA MET B 38 1.83 -36.28 34.18
C MET B 38 0.87 -37.42 34.57
N ALA B 39 -0.30 -37.39 33.93
CA ALA B 39 -1.38 -38.36 34.15
C ALA B 39 -1.17 -39.65 33.37
N GLY B 40 -1.47 -39.60 32.07
CA GLY B 40 -1.29 -40.74 31.21
C GLY B 40 0.19 -40.94 30.96
N GLY B 41 0.87 -41.44 32.01
CA GLY B 41 2.31 -41.69 31.96
C GLY B 41 2.76 -42.47 33.18
N VAL B 42 2.58 -41.89 34.37
CA VAL B 42 2.94 -42.58 35.62
C VAL B 42 1.62 -43.13 36.19
N SER B 43 0.62 -43.24 35.30
CA SER B 43 -0.71 -43.76 35.66
C SER B 43 -1.11 -45.01 34.89
N ALA B 44 -1.19 -44.95 33.55
CA ALA B 44 -1.56 -46.14 32.80
C ALA B 44 -0.40 -47.10 32.90
N ILE B 45 0.40 -46.91 33.95
CA ILE B 45 1.57 -47.74 34.23
C ILE B 45 2.66 -47.55 33.22
N ASP B 46 3.14 -46.32 33.09
CA ASP B 46 4.17 -46.04 32.13
C ASP B 46 3.73 -46.57 30.77
N MET B 47 2.64 -47.33 30.76
CA MET B 47 2.08 -47.89 29.53
C MET B 47 1.21 -46.80 29.01
N ALA B 48 1.35 -45.69 29.70
CA ALA B 48 0.68 -44.49 29.34
C ALA B 48 1.82 -43.77 28.61
N ALA B 49 3.03 -43.81 29.20
CA ALA B 49 4.22 -43.16 28.61
C ALA B 49 4.53 -43.57 27.17
N VAL B 50 5.19 -44.72 27.00
CA VAL B 50 5.55 -45.18 25.66
C VAL B 50 4.31 -45.30 24.73
N SER B 51 3.17 -45.74 25.25
CA SER B 51 1.96 -45.89 24.44
C SER B 51 1.54 -44.61 23.74
N ILE B 52 1.14 -43.61 24.52
CA ILE B 52 0.71 -42.35 23.95
C ILE B 52 1.81 -41.74 23.10
N ALA B 53 3.02 -42.24 23.27
CA ALA B 53 4.17 -41.74 22.52
C ALA B 53 3.98 -41.99 21.03
N ALA B 54 4.00 -43.27 20.66
CA ALA B 54 3.79 -43.64 19.26
C ALA B 54 2.48 -42.96 18.83
N SER B 55 1.57 -42.80 19.78
CA SER B 55 0.28 -42.15 19.53
C SER B 55 0.50 -40.85 18.76
N ILE B 56 0.80 -39.75 19.46
CA ILE B 56 1.00 -38.46 18.78
C ILE B 56 2.08 -38.51 17.69
N TRP B 57 2.85 -39.61 17.63
CA TRP B 57 3.90 -39.78 16.60
C TRP B 57 3.39 -39.44 15.21
N LEU B 58 2.50 -40.29 14.71
CA LEU B 58 1.92 -40.08 13.40
C LEU B 58 1.35 -38.66 13.36
N PRO B 59 0.59 -38.25 14.38
CA PRO B 59 0.05 -36.88 14.34
C PRO B 59 1.22 -35.97 13.99
N SER B 60 2.37 -36.19 14.62
CA SER B 60 3.53 -35.36 14.28
C SER B 60 3.59 -35.19 12.77
N ILE B 61 3.77 -36.29 12.02
CA ILE B 61 3.84 -36.17 10.56
C ILE B 61 2.66 -35.36 10.08
N LEU B 62 1.51 -35.67 10.64
CA LEU B 62 0.26 -35.01 10.31
C LEU B 62 0.46 -33.53 10.50
N PHE B 63 0.60 -33.11 11.76
CA PHE B 63 0.76 -31.70 12.09
C PHE B 63 1.70 -31.15 11.03
N GLY B 64 2.47 -32.04 10.42
CA GLY B 64 3.38 -31.65 9.36
C GLY B 64 2.69 -31.00 8.18
N VAL B 65 1.77 -31.73 7.56
CA VAL B 65 1.04 -31.18 6.42
C VAL B 65 0.37 -29.90 6.93
N GLY B 66 0.29 -29.79 8.25
CA GLY B 66 -0.34 -28.62 8.86
C GLY B 66 0.34 -27.29 8.64
N LEU B 67 1.68 -27.29 8.66
CA LEU B 67 2.41 -26.04 8.46
C LEU B 67 2.22 -25.59 7.02
N LEU B 68 1.82 -26.52 6.14
CA LEU B 68 1.56 -26.11 4.76
C LEU B 68 0.43 -25.10 4.91
N MET B 69 -0.54 -25.48 5.74
CA MET B 69 -1.69 -24.64 6.05
C MET B 69 -1.24 -23.64 7.10
N ALA B 70 -0.03 -23.11 6.91
CA ALA B 70 0.57 -22.12 7.81
C ALA B 70 1.47 -21.13 7.05
N LEU B 71 2.17 -21.58 6.02
CA LEU B 71 2.99 -20.65 5.24
C LEU B 71 1.93 -19.92 4.43
N VAL B 72 0.80 -20.61 4.23
CA VAL B 72 -0.31 -19.99 3.54
C VAL B 72 -0.49 -18.75 4.43
N PRO B 73 -0.63 -18.97 5.76
CA PRO B 73 -0.80 -17.98 6.82
C PRO B 73 0.36 -17.00 7.04
N VAL B 74 1.33 -17.03 6.14
CA VAL B 74 2.38 -16.06 6.22
C VAL B 74 1.79 -15.08 5.22
N VAL B 75 0.81 -15.55 4.44
CA VAL B 75 0.14 -14.71 3.44
C VAL B 75 -0.47 -13.49 4.14
N ALA B 76 -0.03 -13.25 5.37
CA ALA B 76 -0.43 -12.09 6.15
C ALA B 76 0.33 -10.99 5.42
N GLN B 77 0.63 -11.27 4.16
CA GLN B 77 1.37 -10.42 3.24
C GLN B 77 0.51 -9.33 2.62
N LEU B 78 -0.71 -9.71 2.22
CA LEU B 78 -1.66 -8.81 1.57
C LEU B 78 -2.12 -7.64 2.43
N ASN B 79 -1.42 -7.46 3.54
CA ASN B 79 -1.69 -6.39 4.48
C ASN B 79 -0.32 -5.72 4.65
N GLY B 80 0.32 -5.38 3.55
CA GLY B 80 1.61 -4.72 3.64
C GLY B 80 1.24 -3.32 4.10
N ALA B 81 -0.05 -3.20 4.43
CA ALA B 81 -0.73 -1.99 4.88
C ALA B 81 -1.48 -1.70 3.59
N GLY B 82 -1.15 -2.50 2.58
CA GLY B 82 -1.77 -2.37 1.29
C GLY B 82 -3.19 -2.87 1.36
N ARG B 83 -3.46 -3.99 0.69
CA ARG B 83 -4.79 -4.56 0.68
C ARG B 83 -5.10 -4.98 2.11
N GLN B 84 -5.31 -4.01 3.01
CA GLN B 84 -5.64 -4.31 4.42
C GLN B 84 -6.98 -5.05 4.49
N HIS B 85 -7.51 -5.35 3.30
CA HIS B 85 -8.74 -6.10 3.10
C HIS B 85 -8.41 -7.07 1.96
N LYS B 86 -9.34 -7.97 1.62
CA LYS B 86 -9.17 -8.97 0.57
C LYS B 86 -8.52 -10.19 1.19
N ILE B 87 -7.97 -9.96 2.38
CA ILE B 87 -7.32 -10.99 3.16
C ILE B 87 -8.42 -11.88 3.74
N PRO B 88 -9.56 -11.27 4.16
CA PRO B 88 -10.63 -12.09 4.71
C PRO B 88 -10.97 -13.28 3.81
N PHE B 89 -11.09 -13.05 2.50
CA PHE B 89 -11.41 -14.13 1.57
C PHE B 89 -10.22 -15.01 1.33
N GLU B 90 -9.06 -14.37 1.35
CA GLU B 90 -7.82 -15.09 1.18
C GLU B 90 -7.85 -16.14 2.27
N VAL B 91 -8.10 -15.67 3.49
CA VAL B 91 -8.15 -16.49 4.71
C VAL B 91 -9.16 -17.62 4.64
N HIS B 92 -10.42 -17.24 4.73
CA HIS B 92 -11.50 -18.19 4.69
C HIS B 92 -11.01 -19.30 3.77
N GLN B 93 -10.50 -18.91 2.62
CA GLN B 93 -10.00 -19.86 1.64
C GLN B 93 -9.07 -20.88 2.29
N GLY B 94 -7.98 -20.40 2.85
CA GLY B 94 -7.06 -21.31 3.49
C GLY B 94 -7.82 -22.24 4.40
N LEU B 95 -8.39 -21.70 5.47
CA LEU B 95 -9.15 -22.50 6.44
C LEU B 95 -9.83 -23.67 5.78
N ILE B 96 -10.38 -23.42 4.62
CA ILE B 96 -11.05 -24.46 3.89
C ILE B 96 -10.06 -25.56 3.72
N LEU B 97 -9.09 -25.31 2.86
CA LEU B 97 -8.07 -26.29 2.62
C LEU B 97 -7.74 -26.96 3.94
N ALA B 98 -7.75 -26.19 5.03
CA ALA B 98 -7.47 -26.75 6.34
C ALA B 98 -8.17 -28.09 6.45
N LEU B 99 -9.47 -28.05 6.38
CA LEU B 99 -10.25 -29.27 6.46
C LEU B 99 -9.92 -30.21 5.28
N LEU B 100 -9.84 -29.65 4.09
CA LEU B 100 -9.57 -30.43 2.89
C LEU B 100 -8.30 -31.24 3.04
N VAL B 101 -7.66 -31.08 4.19
CA VAL B 101 -6.43 -31.79 4.47
C VAL B 101 -6.56 -32.72 5.66
N SER B 102 -7.04 -32.18 6.77
CA SER B 102 -7.21 -32.97 7.98
C SER B 102 -7.89 -34.28 7.64
N VAL B 103 -8.88 -34.20 6.74
CA VAL B 103 -9.60 -35.40 6.32
C VAL B 103 -8.64 -36.32 5.55
N PRO B 104 -8.00 -35.80 4.51
CA PRO B 104 -7.07 -36.64 3.75
C PRO B 104 -6.06 -37.32 4.68
N ILE B 105 -6.09 -36.93 5.95
CA ILE B 105 -5.24 -37.49 6.97
C ILE B 105 -6.05 -38.38 7.90
N ILE B 106 -7.32 -38.05 8.19
CA ILE B 106 -8.14 -38.91 9.07
C ILE B 106 -8.07 -40.33 8.52
N ALA B 107 -7.97 -40.39 7.19
CA ALA B 107 -7.87 -41.66 6.48
C ALA B 107 -6.75 -42.38 7.17
N VAL B 108 -5.52 -41.94 6.85
CA VAL B 108 -4.33 -42.51 7.43
C VAL B 108 -4.58 -42.76 8.91
N LEU B 109 -5.28 -41.85 9.56
CA LEU B 109 -5.59 -41.98 10.98
C LEU B 109 -6.34 -43.27 11.27
N PHE B 110 -7.66 -43.23 11.17
CA PHE B 110 -8.49 -44.39 11.44
C PHE B 110 -7.83 -45.72 11.07
N GLN B 111 -7.50 -45.89 9.79
CA GLN B 111 -6.93 -47.15 9.30
C GLN B 111 -5.72 -47.75 10.01
N THR B 112 -4.56 -47.09 9.95
CA THR B 112 -3.36 -47.64 10.60
C THR B 112 -3.54 -47.79 12.10
N GLN B 113 -4.33 -46.90 12.69
CA GLN B 113 -4.61 -46.97 14.12
C GLN B 113 -5.06 -48.39 14.42
N PHE B 114 -5.86 -48.92 13.50
CA PHE B 114 -6.41 -50.27 13.61
C PHE B 114 -5.34 -51.31 13.20
N ILE B 115 -4.30 -50.86 12.50
CA ILE B 115 -3.25 -51.79 12.04
C ILE B 115 -1.99 -51.81 12.90
N ILE B 116 -1.60 -50.63 13.34
CA ILE B 116 -0.41 -50.56 14.12
C ILE B 116 0.55 -51.33 13.20
N ARG B 117 1.16 -52.38 13.71
CA ARG B 117 2.27 -53.08 13.10
C ARG B 117 2.43 -54.32 13.95
N PHE B 118 2.27 -54.12 15.25
CA PHE B 118 2.40 -55.19 16.22
C PHE B 118 1.20 -55.20 17.14
N MET B 119 1.39 -55.71 18.35
CA MET B 119 0.31 -55.76 19.31
C MET B 119 0.82 -55.50 20.73
N ASP B 120 1.99 -54.86 20.83
CA ASP B 120 2.60 -54.56 22.12
C ASP B 120 1.52 -54.42 23.22
N VAL B 121 1.10 -53.18 23.49
CA VAL B 121 0.07 -52.96 24.52
C VAL B 121 -0.59 -51.64 24.23
N GLU B 122 0.15 -50.78 23.56
CA GLU B 122 -0.37 -49.47 23.22
C GLU B 122 -1.59 -49.72 22.36
N GLU B 123 -1.70 -50.94 21.84
CA GLU B 123 -2.80 -51.34 20.99
C GLU B 123 -4.11 -50.77 21.50
N ALA B 124 -5.11 -51.63 21.70
CA ALA B 124 -6.40 -51.15 22.19
C ALA B 124 -6.20 -49.80 22.87
N MET B 125 -5.44 -49.80 23.98
CA MET B 125 -5.15 -48.59 24.74
C MET B 125 -5.05 -47.36 23.85
N ALA B 126 -3.85 -46.78 23.76
CA ALA B 126 -3.66 -45.58 22.95
C ALA B 126 -4.40 -45.69 21.63
N THR B 127 -4.00 -46.65 20.81
CA THR B 127 -4.60 -46.88 19.49
C THR B 127 -5.82 -46.03 19.18
N LYS B 128 -6.99 -46.59 19.45
CA LYS B 128 -8.22 -45.89 19.16
C LYS B 128 -8.63 -44.91 20.24
N THR B 129 -8.10 -45.07 21.45
CA THR B 129 -8.46 -44.13 22.50
C THR B 129 -8.14 -42.76 21.93
N VAL B 130 -6.86 -42.43 21.92
CA VAL B 130 -6.47 -41.16 21.35
C VAL B 130 -7.12 -41.22 19.96
N GLY B 131 -7.34 -42.43 19.46
CA GLY B 131 -7.97 -42.64 18.16
C GLY B 131 -9.01 -41.61 17.76
N TYR B 132 -10.18 -41.62 18.40
CA TYR B 132 -11.18 -40.60 18.06
C TYR B 132 -10.87 -39.26 18.73
N MET B 133 -9.92 -39.29 19.67
CA MET B 133 -9.45 -38.10 20.36
C MET B 133 -8.64 -37.39 19.30
N HIS B 134 -8.47 -38.11 18.19
CA HIS B 134 -7.75 -37.64 17.04
C HIS B 134 -8.77 -37.03 16.10
N ALA B 135 -9.97 -37.61 16.05
CA ALA B 135 -11.01 -37.05 15.22
C ALA B 135 -11.03 -35.62 15.75
N VAL B 136 -10.74 -35.51 17.05
CA VAL B 136 -10.66 -34.25 17.76
C VAL B 136 -9.55 -33.37 17.20
N ILE B 137 -8.37 -33.95 16.95
CA ILE B 137 -7.22 -33.21 16.42
C ILE B 137 -7.31 -33.04 14.90
N PHE B 138 -8.53 -32.98 14.37
CA PHE B 138 -8.74 -32.76 12.94
C PHE B 138 -9.53 -31.48 12.89
N ALA B 139 -10.31 -31.29 13.94
CA ALA B 139 -11.11 -30.11 14.07
C ALA B 139 -10.15 -29.08 14.67
N VAL B 140 -9.03 -29.56 15.21
CA VAL B 140 -7.98 -28.71 15.80
C VAL B 140 -7.34 -27.83 14.73
N PRO B 141 -6.86 -28.43 13.62
CA PRO B 141 -6.23 -27.68 12.52
C PRO B 141 -7.11 -26.54 12.01
N ALA B 142 -8.42 -26.79 11.89
CA ALA B 142 -9.33 -25.72 11.46
C ALA B 142 -8.93 -24.50 12.29
N TYR B 143 -9.04 -24.62 13.61
CA TYR B 143 -8.64 -23.54 14.49
C TYR B 143 -7.26 -23.09 14.04
N LEU B 144 -6.35 -24.06 13.91
CA LEU B 144 -4.99 -23.75 13.53
C LEU B 144 -5.05 -22.62 12.55
N LEU B 145 -5.92 -22.75 11.56
CA LEU B 145 -6.04 -21.71 10.56
C LEU B 145 -6.32 -20.39 11.24
N PHE B 146 -7.34 -20.32 12.08
CA PHE B 146 -7.64 -19.10 12.79
C PHE B 146 -6.31 -18.50 13.21
N GLN B 147 -5.51 -19.30 13.90
CA GLN B 147 -4.19 -18.91 14.36
C GLN B 147 -3.41 -18.28 13.21
N ALA B 148 -3.52 -18.92 12.06
CA ALA B 148 -2.88 -18.44 10.86
C ALA B 148 -3.08 -16.95 10.73
N LEU B 149 -4.35 -16.56 10.53
CA LEU B 149 -4.75 -15.18 10.37
C LEU B 149 -4.40 -14.37 11.60
N ARG B 150 -4.86 -14.84 12.76
CA ARG B 150 -4.57 -14.13 13.99
C ARG B 150 -3.23 -14.62 14.53
N SER B 151 -3.28 -15.30 15.67
CA SER B 151 -2.09 -15.86 16.30
C SER B 151 -0.79 -15.24 15.74
N PHE B 152 -0.37 -15.75 14.58
CA PHE B 152 0.85 -15.28 13.89
C PHE B 152 0.57 -14.02 13.06
N THR B 153 -0.14 -14.21 11.96
CA THR B 153 -0.50 -13.13 11.07
C THR B 153 -1.13 -12.01 11.88
N ASP B 154 -2.13 -12.37 12.68
CA ASP B 154 -2.87 -11.43 13.51
C ASP B 154 -3.27 -10.30 12.58
N GLY B 155 -4.23 -10.57 11.70
CA GLY B 155 -4.66 -9.54 10.76
C GLY B 155 -3.41 -9.05 10.06
N MET B 156 -2.83 -7.98 10.58
CA MET B 156 -1.58 -7.44 10.06
C MET B 156 -0.51 -8.34 10.77
N SER B 157 -0.35 -8.18 12.08
CA SER B 157 0.58 -8.97 12.91
C SER B 157 0.55 -8.41 14.33
N LEU B 158 0.07 -9.21 15.27
CA LEU B 158 -0.02 -8.78 16.67
C LEU B 158 -0.04 -10.06 17.48
N THR B 159 0.84 -10.96 17.09
CA THR B 159 0.92 -12.25 17.75
C THR B 159 0.76 -12.08 19.24
N LYS B 160 -0.49 -12.24 19.64
CA LYS B 160 -0.84 -12.14 21.02
C LYS B 160 -1.59 -13.40 21.42
N PRO B 161 -2.46 -13.94 20.54
CA PRO B 161 -3.22 -15.16 20.85
C PRO B 161 -2.38 -16.29 21.39
N ALA B 162 -1.07 -16.08 21.40
CA ALA B 162 -0.15 -17.07 21.89
C ALA B 162 -0.63 -17.34 23.31
N MET B 163 -0.28 -16.41 24.19
CA MET B 163 -0.64 -16.47 25.59
C MET B 163 -2.14 -16.66 25.79
N VAL B 164 -2.93 -16.43 24.74
CA VAL B 164 -4.36 -16.63 24.85
C VAL B 164 -4.58 -18.09 25.20
N ILE B 165 -4.80 -18.93 24.20
CA ILE B 165 -5.01 -20.33 24.46
C ILE B 165 -3.71 -20.87 25.04
N GLY B 166 -2.71 -19.98 25.05
CA GLY B 166 -1.42 -20.34 25.60
C GLY B 166 -1.56 -20.66 27.07
N PHE B 167 -1.22 -19.71 27.94
CA PHE B 167 -1.32 -19.93 29.39
C PHE B 167 -2.65 -20.56 29.72
N ILE B 168 -3.67 -20.13 28.99
CA ILE B 168 -5.02 -20.61 29.18
C ILE B 168 -5.13 -22.07 28.75
N GLY B 169 -4.63 -22.39 27.57
CA GLY B 169 -4.69 -23.77 27.08
C GLY B 169 -4.14 -24.77 28.07
N LEU B 170 -2.81 -24.75 28.28
CA LEU B 170 -2.14 -25.67 29.21
C LEU B 170 -2.91 -25.81 30.49
N LEU B 171 -3.30 -24.67 31.06
CA LEU B 171 -4.06 -24.63 32.28
C LEU B 171 -5.20 -25.62 32.17
N LEU B 172 -6.19 -25.29 31.36
CA LEU B 172 -7.35 -26.15 31.15
C LEU B 172 -6.99 -27.63 31.03
N ASN B 173 -6.17 -27.98 30.04
CA ASN B 173 -5.76 -29.37 29.86
C ASN B 173 -5.65 -30.10 31.19
N ILE B 174 -4.78 -29.58 32.04
CA ILE B 174 -4.54 -30.15 33.35
C ILE B 174 -5.78 -30.71 34.05
N PRO B 175 -6.71 -29.83 34.48
CA PRO B 175 -7.91 -30.35 35.15
C PRO B 175 -8.82 -31.20 34.25
N LEU B 176 -8.96 -30.80 32.99
CA LEU B 176 -9.81 -31.54 32.04
C LEU B 176 -9.32 -32.97 32.00
N ASN B 177 -8.01 -33.10 32.10
CA ASN B 177 -7.42 -34.41 32.13
C ASN B 177 -7.84 -35.02 33.47
N TRP B 178 -7.28 -34.53 34.57
CA TRP B 178 -7.61 -35.06 35.92
C TRP B 178 -8.95 -35.78 35.96
N ILE B 179 -10.03 -35.01 35.87
CA ILE B 179 -11.36 -35.57 35.90
C ILE B 179 -11.57 -36.65 34.85
N PHE B 180 -11.02 -36.44 33.65
CA PHE B 180 -11.17 -37.42 32.59
C PHE B 180 -10.16 -38.54 32.59
N VAL B 181 -8.86 -38.23 32.56
CA VAL B 181 -7.85 -39.28 32.58
C VAL B 181 -8.18 -40.32 33.70
N TYR B 182 -9.04 -39.91 34.63
CA TYR B 182 -9.55 -40.77 35.73
C TYR B 182 -10.59 -40.02 36.57
N GLY B 183 -10.14 -38.93 37.21
CA GLY B 183 -11.01 -38.09 38.05
C GLY B 183 -12.42 -38.60 38.30
N LYS B 184 -13.19 -38.67 37.21
CA LYS B 184 -14.56 -39.15 37.24
C LYS B 184 -15.62 -38.25 37.83
N PHE B 185 -16.58 -37.89 36.98
CA PHE B 185 -17.63 -36.96 37.37
C PHE B 185 -18.65 -36.98 36.25
N GLY B 186 -18.71 -38.13 35.61
CA GLY B 186 -19.61 -38.35 34.50
C GLY B 186 -19.03 -39.58 33.85
N ALA B 187 -17.72 -39.75 34.06
CA ALA B 187 -16.98 -40.89 33.55
C ALA B 187 -15.48 -40.78 33.83
N PRO B 188 -14.86 -41.88 34.35
CA PRO B 188 -13.43 -41.97 34.68
C PRO B 188 -12.74 -42.68 33.50
N GLU B 189 -11.65 -42.11 32.99
CA GLU B 189 -10.93 -42.67 31.82
C GLU B 189 -9.51 -43.24 32.08
N LEU B 190 -8.72 -43.49 31.03
CA LEU B 190 -7.35 -44.03 31.17
C LEU B 190 -6.30 -43.05 30.63
N GLY B 191 -5.04 -43.46 30.65
CA GLY B 191 -3.97 -42.61 30.17
C GLY B 191 -4.20 -42.13 28.74
N GLY B 192 -4.04 -43.05 27.79
CA GLY B 192 -4.23 -42.72 26.39
C GLY B 192 -5.61 -42.11 26.19
N VAL B 193 -6.60 -42.72 26.82
CA VAL B 193 -7.99 -42.25 26.75
C VAL B 193 -8.01 -40.84 27.35
N GLY B 194 -7.07 -40.58 28.26
CA GLY B 194 -6.97 -39.28 28.92
C GLY B 194 -6.40 -38.13 28.10
N CYS B 195 -5.07 -38.11 27.91
CA CYS B 195 -4.41 -37.06 27.12
C CYS B 195 -5.29 -36.78 25.92
N GLY B 196 -5.94 -37.84 25.45
CA GLY B 196 -6.84 -37.75 24.32
C GLY B 196 -8.03 -36.87 24.65
N VAL B 197 -8.86 -37.27 25.61
CA VAL B 197 -10.00 -36.44 25.97
C VAL B 197 -9.57 -35.01 26.21
N ALA B 198 -8.51 -34.83 27.00
CA ALA B 198 -8.00 -33.50 27.27
C ALA B 198 -7.92 -32.79 25.93
N THR B 199 -7.51 -33.51 24.89
CA THR B 199 -7.39 -32.96 23.54
C THR B 199 -8.70 -32.47 22.93
N ALA B 200 -9.78 -33.25 23.06
CA ALA B 200 -11.09 -32.85 22.52
C ALA B 200 -11.44 -31.47 23.01
N ILE B 201 -11.17 -31.30 24.30
CA ILE B 201 -11.40 -30.06 25.00
C ILE B 201 -10.42 -29.00 24.49
N VAL B 202 -9.33 -29.45 23.86
CA VAL B 202 -8.35 -28.51 23.34
C VAL B 202 -8.93 -27.73 22.16
N TYR B 203 -9.15 -28.38 21.01
CA TYR B 203 -9.68 -27.63 19.88
C TYR B 203 -10.97 -26.88 20.25
N TRP B 204 -11.54 -27.27 21.38
CA TRP B 204 -12.74 -26.63 21.91
C TRP B 204 -12.29 -25.21 22.23
N ILE B 205 -11.45 -25.13 23.26
CA ILE B 205 -10.90 -23.86 23.72
C ILE B 205 -10.38 -23.08 22.53
N MET B 206 -9.66 -23.78 21.67
CA MET B 206 -9.07 -23.19 20.51
C MET B 206 -10.14 -22.48 19.71
N LEU B 207 -11.25 -23.16 19.43
CA LEU B 207 -12.33 -22.50 18.71
C LEU B 207 -12.61 -21.19 19.44
N LEU B 208 -12.71 -21.32 20.75
CA LEU B 208 -12.99 -20.21 21.62
C LEU B 208 -12.15 -19.00 21.22
N LEU B 209 -10.84 -19.12 21.33
CA LEU B 209 -9.94 -18.02 20.96
C LEU B 209 -10.18 -17.70 19.51
N LEU B 210 -10.46 -18.74 18.74
CA LEU B 210 -10.73 -18.57 17.31
C LEU B 210 -11.75 -17.47 17.16
N LEU B 211 -13.00 -17.86 17.00
CA LEU B 211 -14.05 -16.88 16.85
C LEU B 211 -13.71 -15.65 17.68
N PHE B 212 -13.64 -15.84 18.99
CA PHE B 212 -13.39 -14.76 19.92
C PHE B 212 -12.37 -13.74 19.47
N TYR B 213 -11.17 -13.83 20.04
CA TYR B 213 -10.13 -12.89 19.69
C TYR B 213 -10.12 -12.44 18.24
N ILE B 214 -10.67 -13.25 17.34
CA ILE B 214 -10.69 -12.88 15.91
C ILE B 214 -11.87 -12.00 15.45
N VAL B 215 -13.07 -12.56 15.36
CA VAL B 215 -14.22 -11.75 14.91
C VAL B 215 -14.60 -10.68 15.93
N THR B 216 -13.98 -10.77 17.11
CA THR B 216 -14.19 -9.82 18.21
C THR B 216 -13.17 -8.69 18.04
N SER B 217 -11.94 -9.05 17.66
CA SER B 217 -10.86 -8.10 17.42
C SER B 217 -11.10 -6.83 18.23
N LYS B 218 -11.04 -6.97 19.56
CA LYS B 218 -11.27 -5.88 20.51
C LYS B 218 -10.63 -4.55 20.08
N ARG B 219 -9.77 -4.63 19.06
CA ARG B 219 -9.05 -3.48 18.52
C ARG B 219 -9.34 -3.16 17.04
N LEU B 220 -9.72 -4.14 16.23
CA LEU B 220 -10.00 -3.86 14.82
C LEU B 220 -11.27 -4.56 14.34
N ALA B 221 -11.60 -4.29 13.09
CA ALA B 221 -12.76 -4.91 12.45
C ALA B 221 -12.22 -5.49 11.16
N HIS B 222 -12.44 -4.78 10.06
CA HIS B 222 -11.98 -5.23 8.75
C HIS B 222 -11.82 -6.76 8.71
N VAL B 223 -12.90 -7.45 9.06
CA VAL B 223 -12.89 -8.92 9.15
C VAL B 223 -13.66 -9.77 8.13
N LYS B 224 -14.00 -10.96 8.62
CA LYS B 224 -14.70 -12.00 7.89
C LYS B 224 -16.21 -11.84 7.97
N VAL B 225 -16.92 -12.83 7.43
CA VAL B 225 -18.37 -12.93 7.40
C VAL B 225 -18.81 -13.85 6.29
N PHE B 226 -18.92 -13.35 5.07
CA PHE B 226 -19.33 -14.20 3.97
C PHE B 226 -18.19 -14.75 3.16
N GLU B 227 -18.15 -16.07 3.09
CA GLU B 227 -17.13 -16.77 2.33
C GLU B 227 -17.77 -17.84 1.46
N THR B 228 -16.96 -18.48 0.62
CA THR B 228 -17.41 -19.54 -0.29
C THR B 228 -16.27 -20.46 -0.72
N PHE B 229 -16.62 -21.42 -1.58
CA PHE B 229 -15.67 -22.39 -2.12
C PHE B 229 -14.63 -21.70 -3.00
N HIS B 230 -14.08 -22.44 -3.95
CA HIS B 230 -13.07 -21.93 -4.88
C HIS B 230 -12.42 -23.10 -5.60
N LYS B 231 -11.93 -22.86 -6.80
CA LYS B 231 -11.24 -23.89 -7.58
C LYS B 231 -9.90 -23.31 -8.00
N PRO B 232 -9.90 -22.05 -8.46
CA PRO B 232 -8.70 -21.33 -8.91
C PRO B 232 -7.93 -20.74 -7.72
N GLN B 233 -8.61 -20.26 -6.68
CA GLN B 233 -7.89 -19.75 -5.54
C GLN B 233 -7.33 -21.03 -4.89
N PRO B 234 -8.05 -22.17 -5.06
CA PRO B 234 -7.63 -23.47 -4.54
C PRO B 234 -6.56 -23.99 -5.46
N LYS B 235 -6.29 -23.18 -6.49
CA LYS B 235 -5.26 -23.43 -7.48
C LYS B 235 -4.18 -22.50 -6.91
N GLU B 236 -4.64 -21.44 -6.23
CA GLU B 236 -3.75 -20.50 -5.57
C GLU B 236 -3.50 -21.24 -4.27
N LEU B 237 -4.37 -22.21 -4.02
CA LEU B 237 -4.26 -23.08 -2.85
C LEU B 237 -3.25 -24.10 -3.30
N ILE B 238 -3.19 -24.27 -4.62
CA ILE B 238 -2.24 -25.16 -5.25
C ILE B 238 -0.95 -24.36 -5.21
N ARG B 239 -1.07 -23.11 -4.75
CA ARG B 239 0.05 -22.21 -4.59
C ARG B 239 0.20 -22.16 -3.06
N LEU B 240 -0.94 -22.21 -2.37
CA LEU B 240 -0.96 -22.26 -0.90
C LEU B 240 -0.26 -23.61 -0.68
N PHE B 241 -0.29 -24.40 -1.75
CA PHE B 241 0.34 -25.70 -1.83
C PHE B 241 1.76 -25.37 -2.32
N ARG B 242 1.89 -24.86 -3.55
CA ARG B 242 3.19 -24.49 -4.13
C ARG B 242 3.77 -23.35 -3.30
N LEU B 243 4.03 -23.66 -2.03
CA LEU B 243 4.56 -22.75 -1.03
C LEU B 243 4.57 -23.60 0.23
N GLY B 244 3.40 -24.17 0.51
CA GLY B 244 3.22 -25.03 1.66
C GLY B 244 3.76 -26.42 1.43
N PHE B 245 3.81 -26.82 0.16
CA PHE B 245 4.34 -28.13 -0.22
C PHE B 245 5.83 -28.10 0.15
N PRO B 246 6.56 -27.03 -0.24
CA PRO B 246 7.99 -26.96 0.10
C PRO B 246 8.30 -26.98 1.63
N VAL B 247 7.33 -26.55 2.45
CA VAL B 247 7.52 -26.58 3.91
C VAL B 247 7.07 -27.94 4.46
N ALA B 248 5.81 -28.33 4.21
CA ALA B 248 5.24 -29.62 4.67
C ALA B 248 6.25 -30.78 4.61
N ALA B 249 6.61 -31.19 3.40
CA ALA B 249 7.57 -32.26 3.23
C ALA B 249 8.83 -31.84 3.95
N ALA B 250 9.31 -30.65 3.62
CA ALA B 250 10.51 -30.13 4.25
C ALA B 250 10.56 -30.52 5.71
N LEU B 251 10.23 -29.58 6.58
CA LEU B 251 10.27 -29.78 8.01
C LEU B 251 9.76 -31.13 8.55
N PHE B 252 8.66 -31.67 8.02
CA PHE B 252 8.14 -32.95 8.53
C PHE B 252 8.48 -34.20 7.75
N PHE B 253 8.51 -34.11 6.44
CA PHE B 253 8.89 -35.28 5.71
C PHE B 253 10.29 -35.47 6.18
N GLU B 254 10.97 -34.35 6.36
CA GLU B 254 12.33 -34.39 6.86
C GLU B 254 12.26 -34.99 8.28
N VAL B 255 11.20 -34.66 9.03
CA VAL B 255 11.04 -35.15 10.40
C VAL B 255 11.19 -36.67 10.48
N THR B 256 10.73 -37.38 9.44
CA THR B 256 10.85 -38.83 9.40
C THR B 256 12.32 -39.18 9.16
N LEU B 257 12.96 -38.49 8.20
CA LEU B 257 14.37 -38.69 7.89
C LEU B 257 15.24 -38.54 9.14
N PHE B 258 15.01 -37.46 9.89
CA PHE B 258 15.74 -37.20 11.14
C PHE B 258 15.67 -38.53 11.91
N ALA B 259 14.45 -38.91 12.24
CA ALA B 259 14.21 -40.14 12.96
C ALA B 259 15.07 -41.26 12.36
N VAL B 260 14.88 -41.53 11.06
CA VAL B 260 15.61 -42.57 10.34
C VAL B 260 16.99 -42.77 10.92
N VAL B 261 17.92 -42.01 10.35
CA VAL B 261 19.32 -41.99 10.71
C VAL B 261 19.65 -42.31 12.15
N ALA B 262 19.29 -41.40 13.05
CA ALA B 262 19.54 -41.59 14.47
C ALA B 262 19.26 -43.03 14.82
N LEU B 263 18.00 -43.43 14.69
CA LEU B 263 17.59 -44.81 14.99
C LEU B 263 18.58 -45.71 14.31
N LEU B 264 18.49 -45.79 12.97
CA LEU B 264 19.43 -46.61 12.24
C LEU B 264 20.70 -46.62 13.04
N VAL B 265 21.24 -45.43 13.24
CA VAL B 265 22.47 -45.26 14.00
C VAL B 265 22.20 -45.03 15.46
N ALA B 266 21.39 -45.90 16.03
CA ALA B 266 21.12 -45.77 17.43
C ALA B 266 21.51 -47.11 18.04
N PRO B 267 21.81 -48.14 17.19
CA PRO B 267 22.16 -49.39 17.85
C PRO B 267 23.60 -49.26 18.36
N LEU B 268 24.17 -48.07 18.17
CA LEU B 268 25.54 -47.79 18.57
C LEU B 268 25.75 -47.86 20.08
N GLY B 269 24.84 -48.53 20.79
CA GLY B 269 24.99 -48.68 22.23
C GLY B 269 23.76 -48.50 23.13
N SER B 270 24.04 -48.28 24.41
CA SER B 270 23.03 -48.01 25.45
C SER B 270 23.06 -46.49 25.51
N THR B 271 24.09 -45.94 24.86
CA THR B 271 24.27 -44.49 24.74
C THR B 271 22.86 -44.03 24.34
N VAL B 272 22.15 -44.82 23.52
CA VAL B 272 20.79 -44.48 23.08
C VAL B 272 20.28 -43.34 23.93
N VAL B 273 20.23 -43.60 25.24
CA VAL B 273 19.83 -42.56 26.17
C VAL B 273 20.76 -41.35 25.94
N ALA B 274 22.05 -41.48 26.30
CA ALA B 274 23.04 -40.41 26.08
C ALA B 274 22.54 -39.57 24.93
N ALA B 275 22.65 -40.16 23.75
CA ALA B 275 22.20 -39.56 22.52
C ALA B 275 20.77 -39.10 22.75
N HIS B 276 19.82 -40.05 22.74
CA HIS B 276 18.41 -39.78 22.97
C HIS B 276 18.30 -38.67 24.00
N GLN B 277 18.23 -39.05 25.28
CA GLN B 277 18.11 -38.09 26.38
C GLN B 277 18.75 -36.73 26.09
N VAL B 278 20.07 -36.66 26.18
CA VAL B 278 20.82 -35.43 25.93
C VAL B 278 20.28 -34.67 24.73
N ALA B 279 20.96 -34.87 23.59
CA ALA B 279 20.62 -34.23 22.33
C ALA B 279 19.14 -33.89 22.24
N LEU B 280 18.35 -34.86 21.79
CA LEU B 280 16.91 -34.67 21.62
C LEU B 280 16.23 -33.68 22.59
N ASN B 281 15.97 -34.13 23.82
CA ASN B 281 15.32 -33.29 24.82
C ASN B 281 15.75 -31.83 24.85
N PHE B 282 16.80 -31.54 25.62
CA PHE B 282 17.31 -30.18 25.78
C PHE B 282 17.31 -29.43 24.48
N SER B 283 18.16 -29.88 23.58
CA SER B 283 18.25 -29.27 22.29
C SER B 283 16.85 -28.92 21.90
N SER B 284 16.09 -29.93 21.48
CA SER B 284 14.69 -29.76 21.06
C SER B 284 14.04 -28.47 21.58
N LEU B 285 14.33 -28.16 22.83
CA LEU B 285 13.78 -26.97 23.43
C LEU B 285 14.60 -25.76 23.04
N VAL B 286 15.93 -25.83 23.14
CA VAL B 286 16.71 -24.67 22.74
C VAL B 286 16.38 -24.37 21.27
N PHE B 287 16.05 -25.41 20.50
CA PHE B 287 15.66 -25.26 19.08
C PHE B 287 14.39 -24.46 19.04
N MET B 288 13.43 -24.93 19.81
CA MET B 288 12.13 -24.30 19.92
C MET B 288 12.36 -22.79 19.95
N PHE B 289 13.42 -22.34 20.61
CA PHE B 289 13.76 -20.91 20.70
C PHE B 289 13.97 -20.24 19.33
N PRO B 290 15.12 -20.50 18.66
CA PRO B 290 15.34 -19.87 17.36
C PRO B 290 14.14 -19.97 16.42
N MET B 291 13.43 -21.08 16.45
CA MET B 291 12.29 -21.22 15.57
C MET B 291 11.30 -20.10 15.86
N SER B 292 11.19 -19.76 17.14
CA SER B 292 10.30 -18.69 17.59
C SER B 292 10.62 -17.47 16.75
N ILE B 293 11.87 -17.06 16.85
CA ILE B 293 12.34 -15.89 16.13
C ILE B 293 11.93 -16.02 14.65
N GLY B 294 12.25 -17.16 14.04
CA GLY B 294 11.94 -17.38 12.64
C GLY B 294 10.62 -16.77 12.24
N ALA B 295 9.53 -17.43 12.60
CA ALA B 295 8.17 -16.99 12.25
C ALA B 295 7.90 -15.52 12.59
N ALA B 296 8.65 -14.99 13.54
CA ALA B 296 8.51 -13.59 13.94
C ALA B 296 9.06 -12.78 12.78
N VAL B 297 10.35 -12.95 12.56
CA VAL B 297 11.01 -12.27 11.46
C VAL B 297 10.41 -12.82 10.17
N SER B 298 9.99 -14.08 10.15
CA SER B 298 9.42 -14.64 8.93
C SER B 298 8.22 -13.83 8.54
N ILE B 299 7.36 -13.57 9.52
CA ILE B 299 6.16 -12.78 9.27
C ILE B 299 6.56 -11.32 9.23
N ARG B 300 7.38 -10.90 10.20
CA ARG B 300 7.82 -9.51 10.27
C ARG B 300 8.44 -9.04 8.96
N VAL B 301 9.21 -9.92 8.30
CA VAL B 301 9.89 -9.60 7.04
C VAL B 301 8.86 -9.46 5.94
N GLY B 302 7.76 -10.21 6.11
CA GLY B 302 6.66 -10.27 5.16
C GLY B 302 5.60 -9.17 5.17
N HIS B 303 5.60 -8.36 6.23
CA HIS B 303 4.67 -7.24 6.33
C HIS B 303 5.41 -6.04 5.80
N LYS B 304 6.65 -5.85 6.27
CA LYS B 304 7.49 -4.72 5.83
C LYS B 304 7.79 -4.91 4.35
N LEU B 305 7.69 -6.17 3.92
CA LEU B 305 7.89 -6.58 2.53
C LEU B 305 6.76 -5.91 1.73
N GLY B 306 5.57 -5.83 2.32
CA GLY B 306 4.44 -5.25 1.62
C GLY B 306 4.00 -3.80 1.84
N GLU B 307 4.79 -2.97 2.52
CA GLU B 307 4.37 -1.57 2.71
C GLU B 307 4.90 -0.73 1.53
N GLN B 308 6.01 -0.05 1.74
CA GLN B 308 6.60 0.72 0.66
C GLN B 308 7.48 -0.28 -0.08
N ASP B 309 7.53 -1.50 0.46
CA ASP B 309 8.32 -2.59 -0.09
C ASP B 309 9.78 -2.21 0.17
N THR B 310 10.00 -1.59 1.33
CA THR B 310 11.31 -1.12 1.77
C THR B 310 12.36 -2.22 1.95
N LYS B 311 13.28 -1.99 2.88
CA LYS B 311 14.38 -2.90 3.14
C LYS B 311 14.21 -3.90 4.28
N GLY B 312 13.06 -4.57 4.32
CA GLY B 312 12.84 -5.58 5.35
C GLY B 312 14.00 -6.54 5.49
N ALA B 313 14.71 -6.76 4.38
CA ALA B 313 15.87 -7.65 4.35
C ALA B 313 16.85 -7.18 5.42
N ALA B 314 17.84 -6.37 5.06
CA ALA B 314 18.80 -5.88 6.05
C ALA B 314 18.15 -5.86 7.41
N ILE B 315 16.95 -5.30 7.48
CA ILE B 315 16.22 -5.28 8.74
C ILE B 315 15.87 -6.74 9.01
N ALA B 316 14.57 -7.07 8.97
CA ALA B 316 14.07 -8.42 9.21
C ALA B 316 15.15 -9.50 9.02
N ALA B 317 15.86 -9.41 7.90
CA ALA B 317 16.95 -10.34 7.62
C ALA B 317 18.06 -10.07 8.63
N ASN B 318 18.98 -9.17 8.28
CA ASN B 318 20.10 -8.85 9.15
C ASN B 318 19.72 -8.64 10.59
N VAL B 319 18.47 -8.29 10.87
CA VAL B 319 18.09 -8.17 12.28
C VAL B 319 17.91 -9.60 12.75
N GLY B 320 16.71 -10.13 12.54
CA GLY B 320 16.41 -11.48 12.93
C GLY B 320 17.66 -12.33 13.05
N LEU B 321 18.51 -12.23 12.04
CA LEU B 321 19.75 -12.99 12.03
C LEU B 321 20.58 -12.65 13.25
N MET B 322 21.30 -11.53 13.14
CA MET B 322 22.14 -11.04 14.21
C MET B 322 21.73 -11.52 15.63
N THR B 323 20.43 -11.44 15.94
CA THR B 323 19.85 -11.80 17.26
C THR B 323 19.80 -13.28 17.64
N GLY B 324 19.29 -14.11 16.74
CA GLY B 324 19.20 -15.54 17.05
C GLY B 324 20.56 -16.12 17.40
N LEU B 325 21.61 -15.45 16.92
CA LEU B 325 22.98 -15.88 17.17
C LEU B 325 23.16 -15.62 18.67
N ALA B 326 22.59 -14.50 19.12
CA ALA B 326 22.65 -14.18 20.53
C ALA B 326 22.03 -15.40 21.18
N THR B 327 20.70 -15.52 21.10
CA THR B 327 19.97 -16.65 21.70
C THR B 327 20.69 -17.99 21.49
N ALA B 328 21.18 -18.26 20.28
CA ALA B 328 21.89 -19.51 20.00
C ALA B 328 23.18 -19.40 20.78
N CYS B 329 23.94 -18.34 20.50
CA CYS B 329 25.19 -18.05 21.19
C CYS B 329 24.88 -18.16 22.69
N ILE B 330 24.16 -17.16 23.24
CA ILE B 330 23.80 -17.14 24.67
C ILE B 330 23.25 -18.47 25.21
N THR B 331 22.24 -19.06 24.58
CA THR B 331 21.71 -20.33 25.05
C THR B 331 22.79 -21.39 24.93
N ALA B 332 23.45 -21.43 23.78
CA ALA B 332 24.52 -22.38 23.58
C ALA B 332 25.55 -22.15 24.68
N LEU B 333 26.23 -21.02 24.63
CA LEU B 333 27.24 -20.69 25.62
C LEU B 333 26.76 -20.61 27.08
N LEU B 334 25.51 -20.98 27.35
CA LEU B 334 24.97 -20.99 28.72
C LEU B 334 24.69 -22.45 28.97
N THR B 335 24.39 -23.12 27.86
CA THR B 335 24.10 -24.54 27.82
C THR B 335 25.25 -25.27 28.41
N VAL B 336 26.44 -24.78 28.05
CA VAL B 336 27.72 -25.35 28.47
C VAL B 336 27.79 -25.71 29.95
N LEU B 337 27.29 -24.80 30.80
CA LEU B 337 27.31 -25.00 32.25
C LEU B 337 26.39 -26.14 32.68
N PHE B 338 25.12 -25.90 32.37
CA PHE B 338 24.00 -26.77 32.68
C PHE B 338 24.10 -28.29 32.40
N ARG B 339 25.14 -28.74 31.69
CA ARG B 339 25.30 -30.17 31.39
C ARG B 339 24.90 -31.06 32.57
N GLU B 340 25.86 -31.45 33.40
CA GLU B 340 25.61 -32.31 34.57
C GLU B 340 24.19 -32.41 35.13
N GLN B 341 23.57 -31.29 35.53
CA GLN B 341 22.17 -31.30 36.08
C GLN B 341 21.18 -31.46 34.94
N ILE B 342 21.46 -30.77 33.84
CA ILE B 342 20.62 -30.90 32.68
C ILE B 342 20.70 -32.41 32.46
N ALA B 343 21.92 -32.92 32.37
CA ALA B 343 22.17 -34.35 32.17
C ALA B 343 21.03 -35.04 32.90
N LEU B 344 20.99 -34.85 34.21
CA LEU B 344 19.94 -35.43 35.03
C LEU B 344 18.67 -35.47 34.24
N LEU B 345 18.18 -34.28 33.92
CA LEU B 345 16.99 -34.11 33.12
C LEU B 345 16.05 -35.28 33.29
N TYR B 346 16.15 -36.24 32.40
CA TYR B 346 15.42 -37.47 32.52
C TYR B 346 15.98 -38.12 33.76
N THR B 347 15.16 -38.07 34.79
CA THR B 347 15.48 -38.61 36.10
C THR B 347 16.01 -40.05 36.02
N GLU B 348 17.29 -40.25 36.36
CA GLU B 348 17.97 -41.56 36.33
C GLU B 348 19.22 -41.50 37.23
N ASN B 349 20.37 -41.81 36.63
CA ASN B 349 21.65 -41.85 37.34
C ASN B 349 22.75 -41.15 36.53
N GLN B 350 23.98 -41.59 36.72
CA GLN B 350 25.10 -41.04 35.97
C GLN B 350 24.77 -41.23 34.50
N VAL B 351 24.05 -42.32 34.22
CA VAL B 351 23.64 -42.65 32.87
C VAL B 351 23.98 -41.52 31.87
N VAL B 352 25.15 -41.71 31.25
CA VAL B 352 25.68 -40.83 30.20
C VAL B 352 26.26 -39.42 30.48
N VAL B 353 25.82 -38.75 31.54
CA VAL B 353 26.31 -37.48 32.10
C VAL B 353 27.68 -37.12 31.64
N ALA B 354 28.58 -38.09 31.65
CA ALA B 354 29.94 -37.92 31.18
C ALA B 354 29.84 -37.69 29.66
N LEU B 355 29.60 -38.75 28.90
CA LEU B 355 29.46 -38.59 27.46
C LEU B 355 28.27 -37.70 27.23
N ALA B 356 27.26 -37.84 28.09
CA ALA B 356 26.09 -36.99 27.99
C ALA B 356 26.74 -35.63 28.00
N MET B 357 27.38 -35.26 29.10
CA MET B 357 28.08 -33.97 29.20
C MET B 357 28.80 -33.65 27.91
N GLN B 358 29.40 -34.67 27.29
CA GLN B 358 30.10 -34.48 26.02
C GLN B 358 29.09 -34.25 24.91
N LEU B 359 28.08 -35.10 24.84
CA LEU B 359 27.07 -34.92 23.81
C LEU B 359 26.41 -33.59 24.06
N LEU B 360 26.12 -33.30 25.33
CA LEU B 360 25.51 -32.05 25.71
C LEU B 360 26.12 -30.95 24.86
N LEU B 361 27.44 -30.94 24.84
CA LEU B 361 28.22 -29.98 24.06
C LEU B 361 27.80 -29.81 22.57
N PHE B 362 27.72 -30.94 21.87
CA PHE B 362 27.34 -30.97 20.47
C PHE B 362 26.13 -30.07 20.20
N ALA B 363 25.15 -30.14 21.11
CA ALA B 363 23.90 -29.38 21.05
C ALA B 363 24.11 -27.88 21.11
N ALA B 364 24.84 -27.45 22.14
CA ALA B 364 25.11 -26.03 22.33
C ALA B 364 25.53 -25.48 20.99
N ILE B 365 26.47 -26.17 20.36
CA ILE B 365 26.93 -25.74 19.06
C ILE B 365 25.93 -25.92 17.90
N TYR B 366 25.13 -26.99 17.96
CA TYR B 366 24.09 -27.24 16.95
C TYR B 366 23.14 -26.05 17.08
N GLN B 367 22.58 -25.87 18.27
CA GLN B 367 21.69 -24.76 18.57
C GLN B 367 22.18 -23.51 17.87
N CYS B 368 23.49 -23.33 17.91
CA CYS B 368 24.13 -22.19 17.27
C CYS B 368 23.78 -22.21 15.79
N MET B 369 24.51 -23.02 15.02
CA MET B 369 24.29 -23.09 13.59
C MET B 369 22.88 -23.51 13.19
N ASP B 370 22.23 -24.27 14.03
CA ASP B 370 20.89 -24.68 13.71
C ASP B 370 20.09 -23.41 13.61
N ALA B 371 20.31 -22.56 14.60
CA ALA B 371 19.61 -21.30 14.70
C ALA B 371 19.66 -20.60 13.34
N VAL B 372 20.88 -20.25 12.94
CA VAL B 372 21.11 -19.54 11.69
C VAL B 372 20.33 -20.19 10.55
N GLN B 373 20.37 -21.51 10.48
CA GLN B 373 19.66 -22.23 9.43
C GLN B 373 18.17 -21.90 9.52
N VAL B 374 17.52 -22.17 10.65
CA VAL B 374 16.09 -21.89 10.83
C VAL B 374 15.61 -20.53 10.32
N VAL B 375 16.08 -19.51 11.01
CA VAL B 375 15.74 -18.12 10.73
C VAL B 375 15.73 -17.82 9.23
N ALA B 376 16.90 -17.46 8.69
CA ALA B 376 17.01 -17.13 7.28
C ALA B 376 15.96 -17.88 6.51
N ALA B 377 16.19 -19.20 6.44
CA ALA B 377 15.35 -20.16 5.76
C ALA B 377 13.88 -19.94 5.96
N GLY B 378 13.29 -20.80 6.79
CA GLY B 378 11.86 -20.75 7.07
C GLY B 378 11.25 -19.38 7.21
N SER B 379 12.08 -18.39 7.50
CA SER B 379 11.61 -17.01 7.66
C SER B 379 11.75 -16.09 6.44
N LEU B 380 12.94 -15.51 6.27
CA LEU B 380 13.17 -14.60 5.16
C LEU B 380 12.76 -15.35 3.93
N ARG B 381 13.38 -16.48 3.70
CA ARG B 381 12.98 -17.24 2.56
C ARG B 381 11.58 -17.72 2.84
N GLY B 382 11.27 -17.87 4.13
CA GLY B 382 9.96 -18.32 4.51
C GLY B 382 8.94 -17.40 3.89
N TYR B 383 9.36 -16.28 3.29
CA TYR B 383 8.32 -15.42 2.80
C TYR B 383 7.43 -15.93 1.65
N LYS B 384 7.97 -16.75 0.75
CA LYS B 384 7.18 -17.33 -0.35
C LYS B 384 7.70 -18.64 -1.02
N ASP B 385 7.94 -18.53 -2.31
CA ASP B 385 8.65 -19.52 -3.13
C ASP B 385 10.03 -19.88 -2.62
N MET B 386 10.65 -18.98 -1.85
CA MET B 386 11.96 -19.29 -1.35
C MET B 386 11.67 -20.58 -0.64
N THR B 387 10.52 -20.63 0.03
CA THR B 387 10.11 -21.82 0.74
C THR B 387 10.25 -23.01 -0.19
N ALA B 388 10.03 -22.80 -1.49
CA ALA B 388 10.17 -23.87 -2.46
C ALA B 388 11.63 -24.33 -2.50
N ILE B 389 12.51 -23.40 -2.86
CA ILE B 389 13.94 -23.70 -2.94
C ILE B 389 14.64 -23.68 -1.58
N PHE B 390 13.90 -23.40 -0.51
CA PHE B 390 14.48 -23.40 0.83
C PHE B 390 14.36 -24.86 1.23
N HIS B 391 13.43 -25.51 0.53
CA HIS B 391 13.11 -26.91 0.69
C HIS B 391 14.23 -27.70 0.06
N ARG B 392 14.56 -27.33 -1.17
CA ARG B 392 15.65 -27.96 -1.90
C ARG B 392 16.86 -27.84 -1.00
N THR B 393 17.11 -26.61 -0.57
CA THR B 393 18.22 -26.30 0.32
C THR B 393 18.21 -27.22 1.50
N PHE B 394 16.99 -27.53 1.93
CA PHE B 394 16.78 -28.39 3.06
C PHE B 394 17.43 -29.72 2.90
N ILE B 395 17.11 -30.42 1.84
CA ILE B 395 17.70 -31.72 1.66
C ILE B 395 19.19 -31.66 1.26
N SER B 396 19.66 -30.48 0.81
CA SER B 396 21.08 -30.29 0.41
C SER B 396 21.98 -30.56 1.60
N TYR B 397 21.60 -29.98 2.73
CA TYR B 397 22.36 -30.16 3.93
C TYR B 397 22.04 -31.56 4.44
N TRP B 398 20.84 -32.05 4.13
CA TRP B 398 20.43 -33.38 4.59
C TRP B 398 21.37 -34.51 4.17
N VAL B 399 21.14 -35.05 2.99
CA VAL B 399 21.95 -36.15 2.48
C VAL B 399 23.45 -35.90 2.68
N LEU B 400 23.88 -34.66 2.43
CA LEU B 400 25.27 -34.32 2.65
C LEU B 400 25.52 -34.61 4.12
N GLY B 401 24.82 -33.86 4.96
CA GLY B 401 24.95 -34.02 6.41
C GLY B 401 24.95 -35.45 6.93
N LEU B 402 23.78 -35.97 7.31
CA LEU B 402 23.62 -37.31 7.88
C LEU B 402 24.56 -38.39 7.32
N PRO B 403 24.39 -38.80 6.05
CA PRO B 403 25.33 -39.81 5.59
C PRO B 403 26.76 -39.38 5.97
N THR B 404 27.15 -38.13 5.70
CA THR B 404 28.47 -37.64 6.05
C THR B 404 28.64 -37.79 7.54
N GLY B 405 27.61 -37.40 8.29
CA GLY B 405 27.65 -37.47 9.74
C GLY B 405 27.60 -38.88 10.29
N TYR B 406 26.73 -39.75 9.74
CA TYR B 406 26.66 -41.12 10.23
C TYR B 406 27.99 -41.69 9.82
N ILE B 407 28.37 -41.47 8.55
CA ILE B 407 29.66 -41.96 8.06
C ILE B 407 30.77 -41.20 8.77
N LEU B 408 30.36 -40.44 9.79
CA LEU B 408 31.28 -39.70 10.62
C LEU B 408 31.35 -40.64 11.78
N GLY B 409 30.18 -41.05 12.24
CA GLY B 409 30.18 -42.04 13.29
C GLY B 409 30.98 -43.03 12.49
N MET B 410 30.43 -43.46 11.36
CA MET B 410 31.09 -44.40 10.46
C MET B 410 32.49 -44.00 9.96
N THR B 411 32.92 -42.77 10.25
CA THR B 411 34.27 -42.34 9.85
C THR B 411 35.16 -42.95 10.89
N ASN B 412 34.56 -43.14 12.05
CA ASN B 412 35.27 -43.77 13.12
C ASN B 412 35.32 -45.15 12.45
N TRP B 413 34.18 -45.59 11.92
CA TRP B 413 34.12 -46.88 11.24
C TRP B 413 35.12 -46.77 10.07
N LEU B 414 35.63 -45.54 9.83
CA LEU B 414 36.57 -45.27 8.73
C LEU B 414 37.91 -44.63 9.14
N THR B 415 38.06 -43.32 8.86
CA THR B 415 39.27 -42.55 9.19
C THR B 415 39.66 -42.81 10.61
N GLU B 416 39.03 -42.04 11.50
CA GLU B 416 39.24 -42.13 12.95
C GLU B 416 38.81 -40.91 13.80
N GLN B 417 38.31 -41.22 15.01
CA GLN B 417 37.81 -40.24 15.99
C GLN B 417 37.72 -40.74 17.46
N PRO B 418 37.60 -39.81 18.44
CA PRO B 418 37.49 -40.28 19.84
C PRO B 418 36.19 -41.06 20.25
N LEU B 419 35.03 -40.82 19.61
CA LEU B 419 33.75 -41.54 19.93
C LEU B 419 32.68 -41.47 18.82
N GLY B 420 32.73 -42.45 17.91
CA GLY B 420 31.77 -42.52 16.81
C GLY B 420 30.28 -42.28 17.07
N ALA B 421 29.83 -42.48 18.31
CA ALA B 421 28.44 -42.24 18.69
C ALA B 421 28.28 -40.74 18.81
N LYS B 422 28.90 -40.16 19.81
CA LYS B 422 28.86 -38.73 19.98
C LYS B 422 29.09 -38.12 18.60
N GLY B 423 30.31 -38.35 18.13
CA GLY B 423 30.77 -37.80 16.87
C GLY B 423 29.83 -37.92 15.69
N PHE B 424 29.04 -38.98 15.63
CA PHE B 424 28.12 -39.10 14.50
C PHE B 424 26.95 -38.14 14.74
N TRP B 425 26.56 -38.05 16.01
CA TRP B 425 25.50 -37.15 16.44
C TRP B 425 25.89 -35.82 15.85
N LEU B 426 27.17 -35.48 16.04
CA LEU B 426 27.80 -34.25 15.56
C LEU B 426 27.74 -34.02 14.03
N GLY B 427 28.10 -35.04 13.25
CA GLY B 427 28.09 -34.90 11.80
C GLY B 427 26.81 -34.24 11.41
N PHE B 428 25.78 -34.45 12.23
CA PHE B 428 24.45 -33.88 11.99
C PHE B 428 24.58 -32.36 12.05
N ILE B 429 25.33 -31.85 13.03
CA ILE B 429 25.51 -30.42 13.14
C ILE B 429 26.05 -29.91 11.80
N ILE B 430 27.07 -30.62 11.29
CA ILE B 430 27.70 -30.29 10.03
C ILE B 430 26.66 -30.00 8.98
N GLY B 431 25.56 -30.74 9.07
CA GLY B 431 24.46 -30.58 8.14
C GLY B 431 23.79 -29.23 8.27
N LEU B 432 23.37 -28.90 9.49
CA LEU B 432 22.70 -27.64 9.74
C LEU B 432 23.51 -26.41 9.53
N SER B 433 24.83 -26.51 9.73
CA SER B 433 25.73 -25.38 9.51
C SER B 433 26.02 -25.34 8.01
N ALA B 434 25.85 -26.49 7.37
CA ALA B 434 26.05 -26.68 5.94
C ALA B 434 24.86 -26.06 5.19
N ALA B 435 23.66 -26.52 5.50
CA ALA B 435 22.47 -25.94 4.88
C ALA B 435 22.51 -24.49 5.29
N ALA B 436 22.71 -24.27 6.59
CA ALA B 436 22.75 -22.92 7.12
C ALA B 436 23.59 -22.02 6.21
N LEU B 437 24.58 -22.60 5.54
CA LEU B 437 25.40 -21.83 4.63
C LEU B 437 24.55 -21.66 3.41
N MET B 438 23.93 -22.75 3.00
CA MET B 438 23.07 -22.80 1.82
C MET B 438 22.06 -21.68 1.62
N LEU B 439 21.38 -21.26 2.69
CA LEU B 439 20.37 -20.21 2.55
C LEU B 439 21.05 -18.85 2.50
N GLY B 440 22.28 -18.81 3.01
CA GLY B 440 23.05 -17.57 3.05
C GLY B 440 23.38 -17.07 1.66
N GLN B 441 23.54 -18.02 0.73
CA GLN B 441 23.82 -17.75 -0.70
C GLN B 441 22.46 -17.59 -1.43
N ARG B 442 21.38 -17.51 -0.63
CA ARG B 442 20.05 -17.29 -1.15
C ARG B 442 19.93 -15.82 -0.82
N LEU B 443 21.02 -15.32 -0.23
CA LEU B 443 21.24 -13.92 0.16
C LEU B 443 20.29 -13.16 -0.76
N TYR B 444 19.03 -13.07 -0.34
CA TYR B 444 17.98 -12.43 -1.13
C TYR B 444 18.18 -12.61 -2.63
N TRP B 445 18.66 -13.78 -3.06
CA TRP B 445 18.90 -14.01 -4.50
C TRP B 445 19.78 -12.79 -4.69
N LEU B 446 19.37 -11.99 -5.67
CA LEU B 446 20.05 -10.75 -6.05
C LEU B 446 19.45 -9.61 -5.22
N GLN B 447 19.26 -9.91 -3.94
CA GLN B 447 18.69 -9.03 -2.98
C GLN B 447 17.28 -8.91 -3.61
N LYS B 448 16.79 -7.73 -3.83
CA LYS B 448 15.40 -7.30 -4.09
C LYS B 448 15.42 -6.06 -4.99
N GLN B 449 14.96 -6.23 -6.22
CA GLN B 449 14.93 -5.11 -7.18
C GLN B 449 13.48 -4.68 -7.27
N SER B 450 12.72 -5.50 -7.98
CA SER B 450 11.29 -5.31 -8.18
C SER B 450 10.87 -6.75 -8.46
N ASP B 451 11.79 -7.66 -8.16
CA ASP B 451 11.56 -9.07 -8.33
C ASP B 451 10.83 -9.49 -7.07
N ASP B 452 10.49 -8.50 -6.24
CA ASP B 452 9.80 -8.73 -4.97
C ASP B 452 8.31 -8.94 -5.25
N VAL B 453 7.73 -8.02 -6.03
CA VAL B 453 6.33 -8.13 -6.38
C VAL B 453 6.28 -9.25 -7.42
N GLN B 454 7.45 -9.67 -7.88
CA GLN B 454 7.60 -10.76 -8.86
C GLN B 454 7.39 -12.08 -8.12
N LEU B 455 7.79 -12.07 -6.85
CA LEU B 455 7.65 -13.23 -5.97
C LEU B 455 6.19 -13.26 -5.59
N HIS B 456 5.58 -12.11 -5.77
CA HIS B 456 4.17 -11.92 -5.47
C HIS B 456 3.44 -11.61 -6.78
N LEU B 457 3.97 -12.22 -7.83
CA LEU B 457 3.45 -12.17 -9.21
C LEU B 457 3.41 -13.65 -9.61
N ALA B 458 3.93 -14.47 -8.69
CA ALA B 458 3.97 -15.93 -8.79
C ALA B 458 3.31 -16.41 -7.48
N ALA B 459 2.93 -15.43 -6.65
CA ALA B 459 2.26 -15.63 -5.35
C ALA B 459 0.99 -14.76 -5.23
N LYS B 460 1.02 -13.61 -5.93
CA LYS B 460 -0.03 -12.58 -6.02
C LYS B 460 -1.08 -12.55 -4.88
#